data_1HP0
#
_entry.id   1HP0
#
_cell.length_a   51.67
_cell.length_b   74.29
_cell.length_c   81.51
_cell.angle_alpha   90
_cell.angle_beta   103.54
_cell.angle_gamma   90
#
_symmetry.space_group_name_H-M   'P 1 21 1'
#
loop_
_entity.id
_entity.type
_entity.pdbx_description
1 polymer 'INOSINE-ADENOSINE-GUANOSINE-PREFERRING NUCLEOSIDE HYDROLASE'
2 non-polymer 'CALCIUM ION'
3 non-polymer 3-DEAZA-ADENOSINE
4 water water
#
_entity_poly.entity_id   1
_entity_poly.type   'polypeptide(L)'
_entity_poly.pdbx_seq_one_letter_code
;MRGSPHHHHHHGSAKNVVLDHDGNLDDFVAMVLLASNTEKVRLIGALCTDADCFVENGFNVTGKIMCLMHNNMNLPLFPI
GKSAATAVNPFPKEWRCLAKNMDDMPILNIPENVELWDKIKAENEKYEGQQLLADLVMNSEEKVTICVTGPLSNVAWCID
KYGEKFTSKVEECVIMGGAVDVRGNVFLPSTDGTAEWNIYWDPASAKTVFGCPGLRRIMFSLDSTNTVPVRSPYVQRFGE
QTNFLLSILVGTMWAMCTHCELLRDGDGYYAWDALTAAYVVDQKVANVDPVPIDVVVDKQPNEGATVRTDAENYPLTFVA
RNPEAEFFLDMLLRSARAC
;
_entity_poly.pdbx_strand_id   A,B
#
loop_
_chem_comp.id
_chem_comp.type
_chem_comp.name
_chem_comp.formula
AD3 non-polymer 3-DEAZA-ADENOSINE 'C11 H14 N4 O4'
CA non-polymer 'CALCIUM ION' 'Ca 2'
#
# COMPACT_ATOMS: atom_id res chain seq x y z
N SER A 13 -8.22 19.01 32.57
CA SER A 13 -7.08 18.24 32.00
C SER A 13 -7.61 17.12 31.09
N ALA A 14 -6.69 16.44 30.39
CA ALA A 14 -7.05 15.36 29.47
C ALA A 14 -7.75 14.20 30.17
N LYS A 15 -8.56 13.47 29.41
CA LYS A 15 -9.30 12.33 29.96
C LYS A 15 -8.61 11.01 29.63
N ASN A 16 -8.81 9.99 30.46
CA ASN A 16 -8.17 8.70 30.20
C ASN A 16 -8.89 7.97 29.08
N VAL A 17 -8.09 7.43 28.17
CA VAL A 17 -8.62 6.70 27.02
C VAL A 17 -7.79 5.46 26.78
N VAL A 18 -8.48 4.37 26.47
CA VAL A 18 -7.86 3.12 26.11
C VAL A 18 -8.37 2.86 24.69
N LEU A 19 -7.49 2.49 23.77
CA LEU A 19 -7.91 2.19 22.40
C LEU A 19 -7.95 0.67 22.23
N ASP A 20 -9.09 0.16 21.79
CA ASP A 20 -9.35 -1.28 21.58
C ASP A 20 -9.52 -1.47 20.06
N HIS A 21 -8.44 -1.77 19.35
CA HIS A 21 -8.51 -1.85 17.89
C HIS A 21 -8.10 -3.18 17.27
N ASP A 22 -8.32 -3.31 15.96
CA ASP A 22 -7.93 -4.54 15.29
C ASP A 22 -6.90 -4.32 14.17
N GLY A 23 -6.10 -3.27 14.34
CA GLY A 23 -5.01 -3.00 13.41
C GLY A 23 -5.12 -2.83 11.92
N ASN A 24 -6.19 -2.23 11.41
CA ASN A 24 -6.21 -1.99 9.99
C ASN A 24 -5.71 -0.55 9.81
N LEU A 25 -5.73 -0.03 8.60
CA LEU A 25 -5.21 1.33 8.38
C LEU A 25 -5.92 2.42 9.16
N ASP A 26 -7.25 2.43 9.12
CA ASP A 26 -7.97 3.46 9.86
C ASP A 26 -7.82 3.31 11.38
N ASP A 27 -7.52 2.11 11.87
CA ASP A 27 -7.30 1.90 13.30
C ASP A 27 -6.06 2.68 13.70
N PHE A 28 -5.02 2.62 12.88
CA PHE A 28 -3.79 3.34 13.19
C PHE A 28 -3.91 4.85 13.07
N VAL A 29 -4.72 5.33 12.14
CA VAL A 29 -4.91 6.77 12.01
C VAL A 29 -5.66 7.20 13.28
N ALA A 30 -6.59 6.36 13.77
CA ALA A 30 -7.32 6.69 14.98
C ALA A 30 -6.31 6.79 16.12
N MET A 31 -5.36 5.86 16.16
CA MET A 31 -4.33 5.85 17.19
C MET A 31 -3.57 7.19 17.17
N VAL A 32 -3.11 7.58 15.99
CA VAL A 32 -2.38 8.83 15.85
C VAL A 32 -3.18 9.99 16.42
N LEU A 33 -4.43 10.12 16.00
CA LEU A 33 -5.31 11.19 16.51
C LEU A 33 -5.36 11.23 18.05
N LEU A 34 -5.59 10.07 18.67
CA LEU A 34 -5.64 10.01 20.13
C LEU A 34 -4.30 10.37 20.76
N ALA A 35 -3.22 9.80 20.26
CA ALA A 35 -1.91 10.08 20.83
C ALA A 35 -1.31 11.46 20.51
N SER A 36 -1.83 12.17 19.51
CA SER A 36 -1.26 13.47 19.18
C SER A 36 -2.03 14.65 19.74
N ASN A 37 -3.13 14.37 20.45
CA ASN A 37 -3.95 15.42 21.03
C ASN A 37 -3.80 15.35 22.53
N THR A 38 -2.55 15.46 22.96
CA THR A 38 -2.23 15.37 24.37
C THR A 38 -3.00 16.31 25.31
N GLU A 39 -3.50 17.43 24.80
CA GLU A 39 -4.26 18.34 25.67
C GLU A 39 -5.67 17.82 26.01
N LYS A 40 -6.28 17.10 25.07
CA LYS A 40 -7.61 16.54 25.28
C LYS A 40 -7.60 15.06 25.69
N VAL A 41 -6.61 14.31 25.22
CA VAL A 41 -6.57 12.89 25.51
C VAL A 41 -5.29 12.39 26.15
N ARG A 42 -5.45 11.53 27.13
CA ARG A 42 -4.33 10.90 27.80
C ARG A 42 -4.56 9.43 27.46
N LEU A 43 -3.75 8.92 26.54
CA LEU A 43 -3.89 7.53 26.11
C LEU A 43 -3.13 6.66 27.10
N ILE A 44 -3.88 5.90 27.89
CA ILE A 44 -3.31 5.07 28.94
C ILE A 44 -3.11 3.61 28.58
N GLY A 45 -3.37 3.26 27.34
CA GLY A 45 -3.17 1.88 26.97
C GLY A 45 -3.88 1.56 25.69
N ALA A 46 -3.51 0.45 25.09
CA ALA A 46 -4.12 -0.01 23.85
C ALA A 46 -4.09 -1.52 23.81
N LEU A 47 -5.05 -2.11 23.11
CA LEU A 47 -5.05 -3.55 22.89
C LEU A 47 -5.32 -3.76 21.43
N CYS A 48 -4.77 -4.83 20.87
CA CYS A 48 -4.96 -5.17 19.47
C CYS A 48 -5.58 -6.55 19.34
N THR A 49 -6.56 -6.65 18.46
CA THR A 49 -7.28 -7.88 18.23
C THR A 49 -7.00 -8.42 16.84
N ASP A 50 -6.83 -9.74 16.79
CA ASP A 50 -6.55 -10.47 15.57
C ASP A 50 -7.77 -10.55 14.64
N ALA A 51 -8.50 -9.44 14.51
CA ALA A 51 -9.68 -9.40 13.63
C ALA A 51 -9.32 -8.98 12.21
N ASP A 52 -9.29 -7.67 11.97
CA ASP A 52 -8.97 -7.16 10.64
C ASP A 52 -7.46 -6.99 10.45
N CYS A 53 -6.70 -7.84 11.13
CA CYS A 53 -5.25 -7.84 11.04
C CYS A 53 -4.79 -9.13 11.68
N PHE A 54 -3.51 -9.43 11.51
CA PHE A 54 -2.94 -10.59 12.17
C PHE A 54 -2.34 -9.83 13.36
N VAL A 55 -2.83 -10.17 14.55
CA VAL A 55 -2.44 -9.49 15.78
C VAL A 55 -0.93 -9.27 16.04
N GLU A 56 -0.08 -10.17 15.59
CA GLU A 56 1.34 -9.96 15.82
C GLU A 56 1.82 -8.72 15.05
N ASN A 57 1.31 -8.52 13.84
CA ASN A 57 1.66 -7.35 13.05
C ASN A 57 0.98 -6.12 13.65
N GLY A 58 -0.30 -6.27 13.99
CA GLY A 58 -1.04 -5.17 14.59
C GLY A 58 -0.40 -4.70 15.87
N PHE A 59 0.06 -5.68 16.65
CA PHE A 59 0.75 -5.43 17.91
C PHE A 59 2.05 -4.65 17.65
N ASN A 60 2.90 -5.13 16.74
CA ASN A 60 4.17 -4.45 16.42
C ASN A 60 4.01 -3.04 15.83
N VAL A 61 2.98 -2.83 15.01
CA VAL A 61 2.77 -1.51 14.42
C VAL A 61 2.34 -0.56 15.50
N THR A 62 1.53 -1.05 16.43
CA THR A 62 1.06 -0.22 17.53
C THR A 62 2.28 0.27 18.30
N GLY A 63 3.16 -0.67 18.60
CA GLY A 63 4.37 -0.33 19.33
C GLY A 63 5.30 0.59 18.58
N LYS A 64 5.45 0.37 17.28
CA LYS A 64 6.33 1.20 16.47
C LYS A 64 5.80 2.63 16.34
N ILE A 65 4.47 2.78 16.29
CA ILE A 65 3.88 4.10 16.20
C ILE A 65 4.07 4.79 17.56
N MET A 66 3.80 4.06 18.64
CA MET A 66 3.96 4.65 19.97
C MET A 66 5.40 5.10 20.22
N CYS A 67 6.38 4.38 19.68
CA CYS A 67 7.78 4.77 19.90
C CYS A 67 8.22 5.93 19.01
N LEU A 68 7.73 5.97 17.77
CA LEU A 68 8.07 7.06 16.87
C LEU A 68 7.54 8.37 17.48
N MET A 69 6.31 8.33 17.99
CA MET A 69 5.71 9.51 18.61
C MET A 69 6.42 9.86 19.90
N HIS A 70 6.57 8.88 20.79
CA HIS A 70 7.25 9.11 22.06
C HIS A 70 8.64 9.73 21.94
N ASN A 71 9.39 9.35 20.90
CA ASN A 71 10.74 9.85 20.70
C ASN A 71 10.77 11.19 19.98
N ASN A 72 9.59 11.73 19.66
CA ASN A 72 9.52 12.99 18.93
C ASN A 72 8.56 14.04 19.47
N MET A 73 7.79 13.68 20.49
CA MET A 73 6.83 14.63 21.04
C MET A 73 6.40 14.22 22.43
N ASN A 74 5.47 14.97 22.99
CA ASN A 74 4.96 14.68 24.33
C ASN A 74 4.04 13.46 24.22
N LEU A 75 4.43 12.35 24.83
CA LEU A 75 3.62 11.14 24.80
C LEU A 75 4.19 10.05 25.69
N PRO A 76 3.64 9.89 26.89
CA PRO A 76 4.12 8.87 27.81
C PRO A 76 3.86 7.50 27.20
N LEU A 77 4.77 6.56 27.44
CA LEU A 77 4.61 5.20 26.95
C LEU A 77 3.40 4.62 27.68
N PHE A 78 2.72 3.67 27.06
CA PHE A 78 1.57 3.04 27.67
C PHE A 78 1.59 1.56 27.36
N PRO A 79 0.87 0.76 28.14
CA PRO A 79 0.87 -0.68 27.86
C PRO A 79 0.07 -1.07 26.61
N ILE A 80 0.58 -2.05 25.88
CA ILE A 80 -0.07 -2.56 24.67
C ILE A 80 -0.25 -4.07 24.87
N GLY A 81 -1.47 -4.56 24.72
CA GLY A 81 -1.71 -5.97 24.92
C GLY A 81 -2.38 -6.67 23.76
N LYS A 82 -2.05 -7.94 23.57
CA LYS A 82 -2.67 -8.71 22.51
C LYS A 82 -3.89 -9.42 23.09
N SER A 83 -5.03 -9.24 22.44
CA SER A 83 -6.26 -9.86 22.90
C SER A 83 -6.38 -11.29 22.40
N ALA A 84 -6.84 -12.18 23.27
CA ALA A 84 -7.02 -13.57 22.90
C ALA A 84 -8.32 -13.77 22.13
N ALA A 85 -9.13 -12.72 22.02
CA ALA A 85 -10.41 -12.85 21.31
C ALA A 85 -10.26 -13.60 19.99
N THR A 86 -11.20 -14.50 19.74
CA THR A 86 -11.24 -15.33 18.55
C THR A 86 -12.47 -14.92 17.73
N ALA A 87 -12.40 -15.09 16.43
CA ALA A 87 -13.50 -14.71 15.52
C ALA A 87 -14.67 -15.69 15.43
N VAL A 88 -15.83 -15.17 15.04
CA VAL A 88 -17.00 -15.98 14.82
C VAL A 88 -17.08 -15.98 13.28
N ASN A 89 -16.92 -14.79 12.70
CA ASN A 89 -16.93 -14.66 11.24
C ASN A 89 -15.71 -13.78 10.93
N PRO A 90 -14.61 -14.40 10.44
CA PRO A 90 -13.39 -13.63 10.13
C PRO A 90 -13.41 -12.70 8.94
N PHE A 91 -12.63 -11.63 9.05
CA PHE A 91 -12.49 -10.63 7.99
C PHE A 91 -11.82 -11.29 6.77
N PRO A 92 -12.05 -10.77 5.56
CA PRO A 92 -11.38 -11.42 4.42
C PRO A 92 -9.88 -11.25 4.61
N LYS A 93 -9.13 -12.34 4.45
CA LYS A 93 -7.68 -12.32 4.66
C LYS A 93 -6.98 -11.20 3.89
N GLU A 94 -7.54 -10.84 2.75
CA GLU A 94 -6.98 -9.80 1.91
C GLU A 94 -6.75 -8.49 2.68
N TRP A 95 -7.76 -8.02 3.42
CA TRP A 95 -7.66 -6.77 4.18
C TRP A 95 -6.78 -6.89 5.41
N ARG A 96 -6.79 -8.05 6.05
CA ARG A 96 -6.02 -8.26 7.26
C ARG A 96 -4.51 -8.04 7.13
N CYS A 97 -3.94 -8.45 5.99
CA CYS A 97 -2.51 -8.32 5.79
C CYS A 97 -1.96 -6.89 5.84
N LEU A 98 -2.86 -5.89 5.86
CA LEU A 98 -2.40 -4.51 5.88
C LEU A 98 -1.44 -4.11 7.00
N ALA A 99 -1.62 -4.64 8.23
CA ALA A 99 -0.70 -4.28 9.31
C ALA A 99 0.70 -4.79 8.96
N LYS A 100 0.76 -5.87 8.18
CA LYS A 100 2.05 -6.45 7.79
C LYS A 100 2.80 -5.43 6.92
N ASN A 101 2.09 -4.85 5.96
CA ASN A 101 2.70 -3.87 5.08
C ASN A 101 3.19 -2.67 5.89
N MET A 102 2.35 -2.18 6.79
CA MET A 102 2.71 -1.06 7.63
C MET A 102 3.96 -1.37 8.45
N ASP A 103 4.02 -2.60 8.95
CA ASP A 103 5.15 -3.01 9.76
C ASP A 103 6.49 -2.84 9.03
N ASP A 104 6.47 -2.80 7.70
CA ASP A 104 7.70 -2.67 6.92
C ASP A 104 7.95 -1.29 6.32
N MET A 105 7.05 -0.34 6.58
CA MET A 105 7.17 1.01 6.04
C MET A 105 8.37 1.73 6.66
N PRO A 106 9.16 2.42 5.83
CA PRO A 106 10.33 3.11 6.39
C PRO A 106 10.11 4.06 7.57
N ILE A 107 9.07 4.89 7.53
CA ILE A 107 8.83 5.83 8.60
C ILE A 107 8.63 5.16 9.97
N LEU A 108 8.28 3.87 9.96
CA LEU A 108 8.06 3.15 11.22
C LEU A 108 9.23 2.29 11.63
N ASN A 109 10.29 2.36 10.85
CA ASN A 109 11.47 1.58 11.13
C ASN A 109 12.76 2.39 11.26
N ILE A 110 12.66 3.57 11.85
CA ILE A 110 13.83 4.40 12.10
C ILE A 110 14.48 3.68 13.29
N PRO A 111 15.78 3.33 13.18
CA PRO A 111 16.51 2.62 14.24
C PRO A 111 16.29 3.05 15.71
N GLU A 112 16.40 4.35 15.97
CA GLU A 112 16.22 4.86 17.34
C GLU A 112 14.84 4.47 17.88
N ASN A 113 13.85 4.51 17.00
CA ASN A 113 12.49 4.18 17.39
C ASN A 113 12.30 2.68 17.56
N VAL A 114 12.85 1.88 16.65
CA VAL A 114 12.69 0.44 16.74
C VAL A 114 13.46 -0.07 17.95
N GLU A 115 14.59 0.57 18.20
CA GLU A 115 15.47 0.26 19.31
C GLU A 115 14.65 0.34 20.61
N LEU A 116 13.91 1.43 20.75
CA LEU A 116 13.08 1.62 21.93
C LEU A 116 12.06 0.50 22.06
N TRP A 117 11.39 0.20 20.96
CA TRP A 117 10.37 -0.85 20.94
C TRP A 117 10.95 -2.21 21.35
N ASP A 118 12.17 -2.50 20.88
CA ASP A 118 12.82 -3.73 21.22
C ASP A 118 13.03 -3.84 22.73
N LYS A 119 13.47 -2.76 23.38
CA LYS A 119 13.68 -2.78 24.82
C LYS A 119 12.42 -2.90 25.67
N ILE A 120 11.29 -2.36 25.19
CA ILE A 120 10.07 -2.41 25.98
C ILE A 120 9.10 -3.49 25.55
N LYS A 121 9.47 -4.24 24.52
CA LYS A 121 8.60 -5.30 24.00
C LYS A 121 8.29 -6.42 24.97
N ALA A 122 9.31 -6.88 25.71
CA ALA A 122 9.12 -8.00 26.65
C ALA A 122 8.00 -7.74 27.65
N GLU A 123 7.95 -6.53 28.17
CA GLU A 123 6.94 -6.15 29.14
C GLU A 123 5.55 -6.28 28.55
N ASN A 124 5.36 -5.62 27.41
CA ASN A 124 4.08 -5.59 26.72
C ASN A 124 3.60 -6.92 26.15
N GLU A 125 4.51 -7.77 25.71
CA GLU A 125 4.01 -9.03 25.14
C GLU A 125 3.58 -10.01 26.24
N LYS A 126 3.68 -9.58 27.49
CA LYS A 126 3.28 -10.39 28.65
C LYS A 126 1.80 -10.19 29.01
N TYR A 127 1.26 -9.02 28.66
CA TYR A 127 -0.15 -8.70 28.94
C TYR A 127 -1.08 -9.52 28.09
N GLU A 128 -2.28 -9.79 28.61
CA GLU A 128 -3.29 -10.47 27.81
C GLU A 128 -4.27 -9.32 27.59
N GLY A 129 -4.55 -9.00 26.34
CA GLY A 129 -5.41 -7.89 26.00
C GLY A 129 -6.72 -7.64 26.75
N GLN A 130 -7.55 -8.68 26.85
CA GLN A 130 -8.84 -8.52 27.52
C GLN A 130 -8.67 -8.20 29.00
N GLN A 131 -7.79 -8.93 29.65
CA GLN A 131 -7.54 -8.69 31.07
C GLN A 131 -6.89 -7.32 31.28
N LEU A 132 -6.07 -6.89 30.32
CA LEU A 132 -5.44 -5.57 30.43
C LEU A 132 -6.51 -4.46 30.35
N LEU A 133 -7.48 -4.63 29.46
CA LEU A 133 -8.54 -3.63 29.32
C LEU A 133 -9.33 -3.53 30.63
N ALA A 134 -9.66 -4.67 31.22
CA ALA A 134 -10.41 -4.70 32.47
C ALA A 134 -9.63 -3.95 33.55
N ASP A 135 -8.33 -4.22 33.65
CA ASP A 135 -7.48 -3.59 34.65
C ASP A 135 -7.27 -2.09 34.46
N LEU A 136 -7.03 -1.67 33.22
CA LEU A 136 -6.85 -0.25 32.94
C LEU A 136 -8.09 0.54 33.29
N VAL A 137 -9.25 -0.04 33.01
CA VAL A 137 -10.51 0.63 33.32
C VAL A 137 -10.80 0.67 34.82
N MET A 138 -10.88 -0.51 35.44
CA MET A 138 -11.19 -0.62 36.86
C MET A 138 -10.20 0.06 37.83
N ASN A 139 -8.90 -0.14 37.64
CA ASN A 139 -7.91 0.48 38.56
C ASN A 139 -7.64 1.96 38.34
N SER A 140 -8.34 2.59 37.39
CA SER A 140 -8.11 4.02 37.16
C SER A 140 -8.83 4.91 38.18
N GLU A 141 -8.17 5.97 38.63
CA GLU A 141 -8.78 6.88 39.61
C GLU A 141 -9.94 7.60 38.95
N GLU A 142 -9.74 8.04 37.71
CA GLU A 142 -10.77 8.73 36.96
C GLU A 142 -11.45 7.70 36.05
N LYS A 143 -12.61 8.05 35.51
CA LYS A 143 -13.30 7.13 34.61
C LYS A 143 -12.53 7.05 33.30
N VAL A 144 -12.71 5.95 32.59
CA VAL A 144 -11.99 5.75 31.35
C VAL A 144 -12.90 5.64 30.13
N THR A 145 -12.58 6.42 29.11
CA THR A 145 -13.32 6.35 27.87
C THR A 145 -12.64 5.26 27.05
N ILE A 146 -13.43 4.36 26.48
CA ILE A 146 -12.88 3.31 25.66
C ILE A 146 -13.21 3.60 24.19
N CYS A 147 -12.19 3.67 23.34
CA CYS A 147 -12.43 3.90 21.92
C CYS A 147 -12.27 2.54 21.23
N VAL A 148 -13.39 1.94 20.81
CA VAL A 148 -13.39 0.63 20.16
C VAL A 148 -13.49 0.75 18.64
N THR A 149 -12.41 0.40 17.93
CA THR A 149 -12.38 0.48 16.48
C THR A 149 -12.33 -0.87 15.81
N GLY A 150 -12.37 -1.92 16.61
CA GLY A 150 -12.37 -3.28 16.10
C GLY A 150 -13.64 -3.91 16.67
N PRO A 151 -13.77 -5.25 16.68
CA PRO A 151 -14.97 -5.91 17.21
C PRO A 151 -15.18 -5.68 18.71
N LEU A 152 -16.38 -5.94 19.19
CA LEU A 152 -16.71 -5.72 20.59
C LEU A 152 -16.39 -6.89 21.55
N SER A 153 -15.69 -7.90 21.06
CA SER A 153 -15.34 -9.07 21.86
C SER A 153 -14.72 -8.75 23.21
N ASN A 154 -13.86 -7.73 23.27
CA ASN A 154 -13.16 -7.38 24.49
C ASN A 154 -13.98 -6.66 25.56
N VAL A 155 -14.82 -5.72 25.13
CA VAL A 155 -15.67 -5.01 26.08
C VAL A 155 -16.72 -6.00 26.58
N ALA A 156 -17.10 -6.96 25.73
CA ALA A 156 -18.09 -7.98 26.13
C ALA A 156 -17.46 -8.93 27.17
N TRP A 157 -16.21 -9.33 26.93
CA TRP A 157 -15.49 -10.22 27.84
C TRP A 157 -15.41 -9.55 29.21
N CYS A 158 -15.16 -8.24 29.24
CA CYS A 158 -15.06 -7.53 30.52
C CYS A 158 -16.41 -7.45 31.23
N ILE A 159 -17.48 -7.23 30.46
CA ILE A 159 -18.81 -7.15 31.01
C ILE A 159 -19.19 -8.51 31.58
N ASP A 160 -19.03 -9.56 30.79
CA ASP A 160 -19.38 -10.90 31.24
C ASP A 160 -18.66 -11.32 32.52
N LYS A 161 -17.44 -10.80 32.73
CA LYS A 161 -16.64 -11.17 33.89
C LYS A 161 -16.68 -10.23 35.10
N TYR A 162 -16.84 -8.94 34.88
CA TYR A 162 -16.86 -8.02 36.02
C TYR A 162 -18.14 -7.21 36.13
N GLY A 163 -19.03 -7.39 35.16
CA GLY A 163 -20.30 -6.68 35.16
C GLY A 163 -20.21 -5.24 35.65
N GLU A 164 -21.07 -4.91 36.60
CA GLU A 164 -21.14 -3.58 37.18
C GLU A 164 -19.78 -3.02 37.65
N LYS A 165 -18.87 -3.90 38.07
CA LYS A 165 -17.54 -3.47 38.54
C LYS A 165 -16.74 -2.79 37.40
N PHE A 166 -16.94 -3.28 36.19
CA PHE A 166 -16.28 -2.72 35.00
C PHE A 166 -17.12 -1.55 34.46
N THR A 167 -18.36 -1.84 34.07
CA THR A 167 -19.25 -0.83 33.48
C THR A 167 -19.38 0.45 34.27
N SER A 168 -19.41 0.35 35.60
CA SER A 168 -19.53 1.56 36.40
C SER A 168 -18.27 2.41 36.31
N LYS A 169 -17.17 1.80 35.85
CA LYS A 169 -15.89 2.51 35.73
C LYS A 169 -15.69 3.16 34.37
N VAL A 170 -16.54 2.81 33.41
CA VAL A 170 -16.42 3.34 32.06
C VAL A 170 -17.10 4.69 31.87
N GLU A 171 -16.33 5.69 31.42
CA GLU A 171 -16.90 7.00 31.17
C GLU A 171 -17.92 6.76 30.06
N GLU A 172 -17.44 6.27 28.93
CA GLU A 172 -18.30 5.95 27.79
C GLU A 172 -17.49 5.18 26.78
N CYS A 173 -18.18 4.28 26.09
CA CYS A 173 -17.58 3.45 25.08
C CYS A 173 -17.93 4.08 23.75
N VAL A 174 -16.93 4.60 23.04
CA VAL A 174 -17.15 5.22 21.74
C VAL A 174 -16.78 4.11 20.75
N ILE A 175 -17.82 3.58 20.11
CA ILE A 175 -17.70 2.45 19.20
C ILE A 175 -17.86 2.69 17.71
N MET A 176 -16.96 2.13 16.92
CA MET A 176 -17.13 2.22 15.46
C MET A 176 -17.75 0.87 15.11
N GLY A 177 -18.97 0.92 14.58
CA GLY A 177 -19.62 -0.32 14.22
C GLY A 177 -21.10 -0.19 13.91
N GLY A 178 -21.64 -1.19 13.23
CA GLY A 178 -23.05 -1.20 12.91
C GLY A 178 -23.51 -0.34 11.74
N ALA A 179 -24.78 -0.53 11.40
CA ALA A 179 -25.45 0.19 10.32
C ALA A 179 -26.89 0.21 10.83
N VAL A 180 -27.40 1.40 11.12
CA VAL A 180 -28.73 1.57 11.68
C VAL A 180 -29.83 1.86 10.67
N ASP A 181 -29.68 2.97 9.93
CA ASP A 181 -30.67 3.36 8.94
C ASP A 181 -30.13 3.33 7.52
N VAL A 182 -28.94 2.75 7.34
CA VAL A 182 -28.32 2.62 6.04
C VAL A 182 -27.91 1.17 5.89
N ARG A 183 -27.53 0.80 4.68
CA ARG A 183 -27.10 -0.55 4.36
C ARG A 183 -25.77 -0.84 5.06
N GLY A 184 -25.45 -2.12 5.26
CA GLY A 184 -24.19 -2.50 5.89
C GLY A 184 -23.07 -2.56 4.86
N ASN A 185 -21.97 -3.25 5.19
CA ASN A 185 -20.86 -3.38 4.26
C ASN A 185 -20.30 -4.79 4.25
N VAL A 186 -21.08 -5.72 4.80
CA VAL A 186 -20.68 -7.13 4.83
C VAL A 186 -21.41 -7.82 3.66
N PHE A 187 -20.73 -7.92 2.53
CA PHE A 187 -21.32 -8.53 1.36
C PHE A 187 -20.65 -9.84 0.99
N LEU A 188 -21.30 -10.93 1.38
CA LEU A 188 -20.81 -12.26 1.10
C LEU A 188 -21.97 -13.03 0.46
N PRO A 189 -21.69 -14.18 -0.15
CA PRO A 189 -22.78 -14.94 -0.77
C PRO A 189 -23.77 -15.52 0.24
N SER A 190 -23.50 -15.35 1.53
CA SER A 190 -24.39 -15.86 2.56
C SER A 190 -25.07 -14.76 3.37
N THR A 191 -24.80 -13.50 3.01
CA THR A 191 -25.38 -12.40 3.74
C THR A 191 -26.21 -11.50 2.85
N ASP A 192 -27.07 -10.69 3.47
CA ASP A 192 -27.94 -9.81 2.71
C ASP A 192 -27.43 -8.37 2.65
N GLY A 193 -26.22 -8.13 3.16
CA GLY A 193 -25.66 -6.80 3.12
C GLY A 193 -26.20 -5.78 4.12
N THR A 194 -26.86 -6.26 5.18
CA THR A 194 -27.40 -5.34 6.18
C THR A 194 -26.46 -5.14 7.36
N ALA A 195 -25.50 -6.04 7.53
CA ALA A 195 -24.55 -5.94 8.64
C ALA A 195 -23.25 -5.23 8.29
N GLU A 196 -22.61 -4.72 9.33
CA GLU A 196 -21.33 -4.03 9.23
C GLU A 196 -20.29 -5.00 9.81
N TRP A 197 -19.07 -4.98 9.26
CA TRP A 197 -18.01 -5.90 9.68
C TRP A 197 -17.63 -6.09 11.15
N ASN A 198 -17.37 -5.03 11.91
CA ASN A 198 -17.00 -5.22 13.31
C ASN A 198 -18.04 -5.99 14.13
N ILE A 199 -19.32 -5.72 13.88
CA ILE A 199 -20.38 -6.44 14.60
C ILE A 199 -20.44 -7.88 14.08
N TYR A 200 -20.43 -7.99 12.75
CA TYR A 200 -20.48 -9.28 12.09
C TYR A 200 -19.35 -10.21 12.55
N TRP A 201 -18.15 -9.68 12.81
CA TRP A 201 -17.02 -10.51 13.24
C TRP A 201 -17.39 -11.35 14.46
N ASP A 202 -18.13 -10.73 15.39
CA ASP A 202 -18.56 -11.40 16.63
C ASP A 202 -19.90 -10.80 17.10
N PRO A 203 -21.01 -11.31 16.55
CA PRO A 203 -22.36 -10.85 16.89
C PRO A 203 -22.72 -11.00 18.37
N ALA A 204 -22.48 -12.18 18.93
CA ALA A 204 -22.82 -12.39 20.34
C ALA A 204 -22.21 -11.31 21.24
N SER A 205 -20.90 -11.06 21.11
CA SER A 205 -20.25 -10.04 21.94
C SER A 205 -20.92 -8.68 21.75
N ALA A 206 -21.25 -8.33 20.51
CA ALA A 206 -21.90 -7.05 20.22
C ALA A 206 -23.24 -6.96 20.94
N LYS A 207 -23.98 -8.07 20.95
CA LYS A 207 -25.29 -8.14 21.61
C LYS A 207 -25.11 -7.87 23.10
N THR A 208 -24.07 -8.43 23.68
CA THR A 208 -23.80 -8.24 25.10
C THR A 208 -23.52 -6.78 25.42
N VAL A 209 -22.74 -6.13 24.56
CA VAL A 209 -22.41 -4.73 24.79
C VAL A 209 -23.57 -3.79 24.56
N PHE A 210 -24.27 -3.93 23.43
CA PHE A 210 -25.37 -3.00 23.15
C PHE A 210 -26.58 -3.17 24.08
N GLY A 211 -26.71 -4.36 24.66
CA GLY A 211 -27.82 -4.61 25.56
C GLY A 211 -27.42 -4.51 27.02
N CYS A 212 -26.24 -3.95 27.29
CA CYS A 212 -25.77 -3.82 28.67
C CYS A 212 -26.24 -2.55 29.38
N PRO A 213 -27.00 -2.73 30.47
CA PRO A 213 -27.51 -1.59 31.25
C PRO A 213 -26.38 -0.91 32.01
N GLY A 214 -26.49 0.41 32.17
CA GLY A 214 -25.48 1.13 32.91
C GLY A 214 -24.16 1.42 32.22
N LEU A 215 -24.14 1.25 30.89
CA LEU A 215 -22.94 1.52 30.10
C LEU A 215 -23.34 2.54 29.05
N ARG A 216 -22.65 3.67 29.01
CA ARG A 216 -22.95 4.68 28.02
C ARG A 216 -22.19 4.34 26.74
N ARG A 217 -22.92 4.19 25.63
CA ARG A 217 -22.29 3.85 24.36
C ARG A 217 -22.54 4.90 23.29
N ILE A 218 -21.47 5.37 22.67
CA ILE A 218 -21.60 6.30 21.55
C ILE A 218 -21.32 5.38 20.36
N MET A 219 -22.16 5.45 19.34
CA MET A 219 -21.99 4.55 18.20
C MET A 219 -21.82 5.23 16.86
N PHE A 220 -20.65 5.01 16.27
CA PHE A 220 -20.38 5.55 14.94
C PHE A 220 -20.55 4.42 13.96
N SER A 221 -21.79 4.27 13.49
CA SER A 221 -22.18 3.23 12.54
C SER A 221 -21.95 3.77 11.13
N LEU A 222 -22.26 2.97 10.11
CA LEU A 222 -22.06 3.45 8.75
C LEU A 222 -22.88 4.72 8.43
N ASP A 223 -23.92 4.98 9.23
CA ASP A 223 -24.76 6.18 9.05
C ASP A 223 -23.95 7.48 9.10
N SER A 224 -22.96 7.51 9.98
CA SER A 224 -22.10 8.67 10.12
C SER A 224 -20.84 8.53 9.26
N THR A 225 -20.18 7.38 9.35
CA THR A 225 -18.95 7.18 8.60
C THR A 225 -19.08 7.23 7.07
N ASN A 226 -20.27 6.98 6.51
CA ASN A 226 -20.41 7.06 5.05
C ASN A 226 -20.28 8.50 4.57
N THR A 227 -20.46 9.47 5.46
CA THR A 227 -20.40 10.86 5.04
C THR A 227 -19.01 11.49 5.06
N VAL A 228 -17.99 10.67 5.31
CA VAL A 228 -16.62 11.18 5.32
C VAL A 228 -15.67 10.20 4.60
N PRO A 229 -15.77 10.15 3.26
CA PRO A 229 -14.93 9.27 2.43
C PRO A 229 -13.45 9.68 2.27
N VAL A 230 -12.59 8.72 1.94
CA VAL A 230 -11.15 8.96 1.73
C VAL A 230 -10.95 9.55 0.31
N ARG A 231 -10.63 10.85 0.21
CA ARG A 231 -10.47 11.51 -1.10
C ARG A 231 -9.07 12.01 -1.46
N SER A 232 -8.60 11.58 -2.63
CA SER A 232 -7.28 11.94 -3.14
C SER A 232 -6.76 13.36 -2.92
N PRO A 233 -7.56 14.39 -3.25
CA PRO A 233 -7.10 15.78 -3.06
C PRO A 233 -6.74 16.08 -1.60
N TYR A 234 -7.58 15.66 -0.68
CA TYR A 234 -7.30 15.87 0.73
C TYR A 234 -6.06 15.08 1.14
N VAL A 235 -5.98 13.84 0.68
CA VAL A 235 -4.85 12.98 1.03
C VAL A 235 -3.55 13.58 0.53
N GLN A 236 -3.59 14.26 -0.60
CA GLN A 236 -2.38 14.88 -1.14
C GLN A 236 -1.93 16.04 -0.27
N ARG A 237 -2.86 16.62 0.50
CA ARG A 237 -2.49 17.73 1.37
C ARG A 237 -1.42 17.32 2.38
N PHE A 238 -1.30 16.02 2.66
CA PHE A 238 -0.26 15.59 3.59
C PHE A 238 1.12 15.84 2.96
N GLY A 239 1.15 16.02 1.64
CA GLY A 239 2.42 16.29 0.97
C GLY A 239 2.97 17.68 1.32
N GLU A 240 2.09 18.56 1.77
CA GLU A 240 2.49 19.92 2.14
C GLU A 240 3.13 19.86 3.51
N GLN A 241 3.11 18.69 4.14
CA GLN A 241 3.67 18.53 5.48
C GLN A 241 4.67 17.38 5.65
N THR A 242 5.44 17.07 4.61
CA THR A 242 6.40 15.98 4.68
C THR A 242 7.47 16.17 5.75
N ASN A 243 7.54 17.38 6.31
CA ASN A 243 8.51 17.67 7.34
C ASN A 243 8.05 17.06 8.66
N PHE A 244 6.79 16.65 8.73
CA PHE A 244 6.29 16.02 9.94
C PHE A 244 6.12 14.53 9.74
N LEU A 245 6.80 13.77 10.60
CA LEU A 245 6.77 12.32 10.53
C LEU A 245 5.34 11.79 10.49
N LEU A 246 4.48 12.36 11.31
CA LEU A 246 3.09 11.94 11.33
C LEU A 246 2.31 12.19 10.05
N SER A 247 2.72 13.19 9.27
CA SER A 247 2.03 13.45 8.01
C SER A 247 2.49 12.44 6.96
N ILE A 248 3.73 11.99 7.09
CA ILE A 248 4.27 10.99 6.19
C ILE A 248 3.54 9.68 6.52
N LEU A 249 3.38 9.42 7.81
CA LEU A 249 2.70 8.22 8.26
C LEU A 249 1.23 8.18 7.88
N VAL A 250 0.50 9.23 8.22
CA VAL A 250 -0.92 9.25 7.92
C VAL A 250 -1.21 9.34 6.42
N GLY A 251 -0.46 10.17 5.70
CA GLY A 251 -0.70 10.27 4.28
C GLY A 251 -0.40 8.97 3.57
N THR A 252 0.65 8.27 4.01
CA THR A 252 1.01 7.01 3.39
C THR A 252 -0.03 5.92 3.60
N MET A 253 -0.65 5.88 4.78
CA MET A 253 -1.67 4.86 5.06
C MET A 253 -2.93 5.10 4.25
N TRP A 254 -3.38 6.35 4.18
CA TRP A 254 -4.57 6.65 3.40
C TRP A 254 -4.34 6.54 1.90
N ALA A 255 -3.08 6.58 1.48
CA ALA A 255 -2.76 6.47 0.07
C ALA A 255 -3.08 5.05 -0.35
N MET A 256 -2.97 4.12 0.58
CA MET A 256 -3.25 2.71 0.28
C MET A 256 -4.74 2.36 0.38
N CYS A 257 -5.55 3.35 0.74
CA CYS A 257 -7.00 3.17 0.85
C CYS A 257 -7.72 3.78 -0.36
N THR A 258 -7.38 5.02 -0.70
CA THR A 258 -7.99 5.71 -1.84
C THR A 258 -7.84 4.83 -3.09
N HIS A 259 -8.88 4.76 -3.90
CA HIS A 259 -8.81 3.93 -5.10
C HIS A 259 -9.17 4.68 -6.39
N GLY A 268 -15.40 3.60 -1.53
CA GLY A 268 -14.93 2.23 -1.32
C GLY A 268 -14.17 2.07 -0.01
N TYR A 269 -13.57 3.18 0.44
CA TYR A 269 -12.80 3.21 1.69
C TYR A 269 -13.16 4.48 2.49
N TYR A 270 -13.55 4.31 3.75
CA TYR A 270 -13.88 5.46 4.57
C TYR A 270 -12.92 5.62 5.75
N ALA A 271 -12.98 6.78 6.41
CA ALA A 271 -12.12 7.04 7.56
C ALA A 271 -12.87 6.56 8.80
N TRP A 272 -13.50 5.38 8.71
CA TRP A 272 -14.31 4.82 9.79
C TRP A 272 -13.78 5.04 11.19
N ASP A 273 -12.68 4.37 11.53
CA ASP A 273 -12.09 4.46 12.87
C ASP A 273 -11.55 5.83 13.23
N ALA A 274 -11.02 6.54 12.24
CA ALA A 274 -10.46 7.87 12.50
C ALA A 274 -11.53 8.85 12.98
N LEU A 275 -12.68 8.88 12.31
CA LEU A 275 -13.77 9.77 12.66
C LEU A 275 -14.20 9.45 14.09
N THR A 276 -14.31 8.15 14.39
CA THR A 276 -14.69 7.67 15.72
C THR A 276 -13.71 8.17 16.79
N ALA A 277 -12.41 8.03 16.53
CA ALA A 277 -11.43 8.53 17.48
C ALA A 277 -11.50 10.08 17.53
N ALA A 278 -11.87 10.70 16.41
CA ALA A 278 -11.98 12.16 16.39
C ALA A 278 -13.04 12.65 17.40
N TYR A 279 -14.13 11.90 17.55
CA TYR A 279 -15.20 12.25 18.50
C TYR A 279 -14.72 12.23 19.95
N VAL A 280 -13.89 11.24 20.29
CA VAL A 280 -13.30 11.10 21.62
C VAL A 280 -12.42 12.34 21.90
N VAL A 281 -11.78 12.87 20.87
CA VAL A 281 -10.92 14.03 21.03
C VAL A 281 -11.75 15.30 21.23
N ASP A 282 -12.85 15.40 20.48
CA ASP A 282 -13.72 16.58 20.52
C ASP A 282 -15.14 16.19 20.10
N GLN A 283 -16.09 16.34 21.03
CA GLN A 283 -17.48 16.00 20.77
C GLN A 283 -18.14 16.81 19.67
N LYS A 284 -17.55 17.95 19.32
CA LYS A 284 -18.08 18.80 18.25
C LYS A 284 -18.15 18.01 16.95
N VAL A 285 -17.36 16.92 16.88
CA VAL A 285 -17.35 16.06 15.70
C VAL A 285 -18.78 15.68 15.26
N ALA A 286 -19.66 15.39 16.22
CA ALA A 286 -21.04 15.00 15.90
C ALA A 286 -21.99 15.00 17.10
N ASN A 287 -23.28 15.16 16.83
CA ASN A 287 -24.28 15.10 17.87
C ASN A 287 -24.70 13.64 17.90
N VAL A 288 -25.20 13.16 19.02
CA VAL A 288 -25.58 11.76 19.11
C VAL A 288 -27.03 11.58 19.57
N ASP A 289 -27.75 10.65 18.92
CA ASP A 289 -29.15 10.41 19.23
C ASP A 289 -29.44 9.03 19.81
N PRO A 290 -30.26 8.97 20.86
CA PRO A 290 -30.62 7.73 21.53
C PRO A 290 -31.44 6.75 20.69
N VAL A 291 -30.99 5.50 20.63
CA VAL A 291 -31.67 4.46 19.88
C VAL A 291 -31.43 3.13 20.59
N PRO A 292 -32.48 2.32 20.81
CA PRO A 292 -32.37 1.01 21.47
C PRO A 292 -31.77 0.08 20.45
N ILE A 293 -30.51 -0.35 20.64
CA ILE A 293 -29.84 -1.21 19.66
C ILE A 293 -29.69 -2.68 20.05
N ASP A 294 -30.21 -3.56 19.22
CA ASP A 294 -30.10 -5.00 19.45
C ASP A 294 -29.27 -5.55 18.30
N VAL A 295 -28.81 -6.79 18.44
CA VAL A 295 -27.98 -7.40 17.41
C VAL A 295 -28.46 -8.82 17.00
N VAL A 296 -28.51 -9.08 15.70
CA VAL A 296 -28.94 -10.38 15.20
C VAL A 296 -27.82 -11.40 15.36
N VAL A 297 -28.05 -12.42 16.18
CA VAL A 297 -27.01 -13.41 16.43
C VAL A 297 -27.21 -14.74 15.73
N ASP A 298 -28.37 -14.91 15.08
CA ASP A 298 -28.67 -16.15 14.37
C ASP A 298 -27.94 -16.28 13.05
N LYS A 299 -27.72 -17.52 12.63
CA LYS A 299 -27.01 -17.78 11.40
C LYS A 299 -27.90 -17.57 10.18
N GLN A 300 -28.39 -16.35 10.02
CA GLN A 300 -29.24 -16.01 8.90
C GLN A 300 -28.51 -14.98 8.02
N PRO A 301 -29.06 -14.64 6.85
CA PRO A 301 -28.45 -13.68 5.95
C PRO A 301 -28.08 -12.34 6.60
N ASN A 302 -28.87 -11.92 7.59
CA ASN A 302 -28.62 -10.64 8.28
C ASN A 302 -27.87 -10.77 9.63
N GLU A 303 -27.11 -11.85 9.78
CA GLU A 303 -26.32 -12.06 10.99
C GLU A 303 -25.40 -10.86 11.25
N GLY A 304 -25.44 -10.33 12.47
CA GLY A 304 -24.59 -9.20 12.83
C GLY A 304 -25.20 -7.84 12.56
N ALA A 305 -26.45 -7.84 12.10
CA ALA A 305 -27.12 -6.58 11.82
C ALA A 305 -27.49 -5.87 13.13
N THR A 306 -27.41 -4.54 13.12
CA THR A 306 -27.78 -3.75 14.30
C THR A 306 -29.14 -3.14 14.02
N VAL A 307 -30.16 -3.61 14.74
CA VAL A 307 -31.52 -3.13 14.52
C VAL A 307 -32.12 -2.46 15.75
N ARG A 308 -33.08 -1.58 15.51
CA ARG A 308 -33.77 -0.91 16.59
C ARG A 308 -34.64 -1.95 17.28
N THR A 309 -34.82 -1.81 18.58
CA THR A 309 -35.69 -2.73 19.28
C THR A 309 -36.59 -1.89 20.17
N ASP A 310 -37.89 -2.13 20.14
CA ASP A 310 -38.76 -1.36 21.00
C ASP A 310 -39.10 -2.15 22.25
N ALA A 311 -38.38 -3.26 22.44
CA ALA A 311 -38.57 -4.10 23.60
C ALA A 311 -38.57 -3.23 24.84
N GLU A 312 -39.47 -3.55 25.77
CA GLU A 312 -39.63 -2.78 27.00
C GLU A 312 -38.36 -2.62 27.83
N ASN A 313 -38.08 -1.38 28.24
CA ASN A 313 -36.92 -1.04 29.04
C ASN A 313 -35.56 -1.52 28.49
N TYR A 314 -35.32 -1.30 27.20
CA TYR A 314 -34.04 -1.71 26.60
C TYR A 314 -33.08 -0.50 26.63
N PRO A 315 -31.80 -0.74 26.99
CA PRO A 315 -30.80 0.32 27.06
C PRO A 315 -30.64 1.14 25.77
N LEU A 316 -30.44 2.45 25.94
CA LEU A 316 -30.29 3.41 24.83
C LEU A 316 -28.85 3.69 24.35
N THR A 317 -28.59 3.44 23.07
CA THR A 317 -27.27 3.72 22.50
C THR A 317 -27.33 5.08 21.80
N PHE A 318 -26.29 5.90 21.96
CA PHE A 318 -26.29 7.22 21.32
C PHE A 318 -25.61 7.19 19.96
N VAL A 319 -26.44 7.06 18.94
CA VAL A 319 -25.98 7.01 17.57
C VAL A 319 -25.53 8.37 17.05
N ALA A 320 -24.33 8.41 16.48
CA ALA A 320 -23.78 9.63 15.92
C ALA A 320 -24.48 9.88 14.59
N ARG A 321 -24.76 11.15 14.29
CA ARG A 321 -25.42 11.49 13.02
C ARG A 321 -24.85 12.81 12.46
N ASN A 322 -24.93 12.96 11.15
CA ASN A 322 -24.47 14.19 10.48
C ASN A 322 -23.20 14.78 11.06
N PRO A 323 -22.08 14.07 10.91
CA PRO A 323 -20.76 14.45 11.40
C PRO A 323 -20.23 15.71 10.72
N GLU A 324 -19.50 16.51 11.49
CA GLU A 324 -18.90 17.73 11.00
C GLU A 324 -17.66 17.34 10.19
N ALA A 325 -17.82 17.07 8.90
CA ALA A 325 -16.72 16.62 8.06
C ALA A 325 -15.49 17.53 7.99
N GLU A 326 -15.68 18.81 7.67
CA GLU A 326 -14.56 19.73 7.58
C GLU A 326 -13.83 19.84 8.89
N PHE A 327 -14.59 19.88 9.98
CA PHE A 327 -14.00 19.97 11.31
C PHE A 327 -13.04 18.79 11.53
N PHE A 328 -13.51 17.59 11.16
CA PHE A 328 -12.72 16.38 11.32
C PHE A 328 -11.46 16.38 10.46
N LEU A 329 -11.63 16.64 9.17
CA LEU A 329 -10.52 16.68 8.25
C LEU A 329 -9.49 17.70 8.68
N ASP A 330 -9.94 18.81 9.27
CA ASP A 330 -8.99 19.81 9.71
C ASP A 330 -8.29 19.32 10.95
N MET A 331 -9.05 18.69 11.84
CA MET A 331 -8.46 18.16 13.07
C MET A 331 -7.34 17.20 12.71
N LEU A 332 -7.58 16.34 11.72
CA LEU A 332 -6.57 15.34 11.34
C LEU A 332 -5.31 15.93 10.71
N LEU A 333 -5.49 16.85 9.78
CA LEU A 333 -4.34 17.49 9.13
C LEU A 333 -3.47 18.23 10.14
N ARG A 334 -4.09 18.99 11.04
CA ARG A 334 -3.32 19.71 12.05
C ARG A 334 -2.67 18.76 13.06
N SER A 335 -3.39 17.72 13.47
CA SER A 335 -2.84 16.74 14.41
C SER A 335 -1.63 16.04 13.82
N ALA A 336 -1.67 15.80 12.51
CA ALA A 336 -0.57 15.13 11.82
C ALA A 336 0.65 16.04 11.73
N ARG A 337 0.60 17.17 12.44
CA ARG A 337 1.74 18.09 12.44
C ARG A 337 2.34 18.16 13.84
N ALA A 338 1.90 17.27 14.73
CA ALA A 338 2.40 17.23 16.10
C ALA A 338 3.90 16.90 16.08
N CYS A 339 4.30 16.04 15.16
CA CYS A 339 5.71 15.69 14.99
C CYS A 339 5.89 15.03 13.62
N SER B 13 31.58 8.72 -18.60
CA SER B 13 30.42 9.21 -19.41
C SER B 13 29.22 8.25 -19.29
N ALA B 14 28.04 8.81 -19.03
CA ALA B 14 26.84 7.99 -18.92
C ALA B 14 26.32 7.65 -20.31
N LYS B 15 25.52 6.60 -20.39
CA LYS B 15 24.96 6.16 -21.66
C LYS B 15 23.48 6.55 -21.73
N ASN B 16 23.01 6.87 -22.93
CA ASN B 16 21.60 7.25 -23.07
C ASN B 16 20.72 6.04 -22.69
N VAL B 17 19.63 6.33 -21.99
CA VAL B 17 18.69 5.29 -21.57
C VAL B 17 17.26 5.81 -21.59
N VAL B 18 16.35 4.96 -22.05
CA VAL B 18 14.93 5.28 -22.07
C VAL B 18 14.21 4.17 -21.30
N LEU B 19 13.35 4.54 -20.35
CA LEU B 19 12.62 3.53 -19.60
C LEU B 19 11.22 3.38 -20.20
N ASP B 20 10.92 2.15 -20.62
CA ASP B 20 9.65 1.73 -21.24
C ASP B 20 8.93 0.87 -20.18
N HIS B 21 8.07 1.48 -19.39
CA HIS B 21 7.41 0.74 -18.32
C HIS B 21 5.90 0.78 -18.30
N ASP B 22 5.32 0.03 -17.35
CA ASP B 22 3.86 0.00 -17.23
C ASP B 22 3.35 0.33 -15.84
N GLY B 23 4.09 1.18 -15.15
CA GLY B 23 3.70 1.67 -13.83
C GLY B 23 3.35 0.80 -12.62
N ASN B 24 3.92 -0.38 -12.47
CA ASN B 24 3.61 -1.11 -11.26
C ASN B 24 4.67 -0.72 -10.22
N LEU B 25 4.64 -1.30 -9.04
CA LEU B 25 5.60 -0.91 -8.00
C LEU B 25 7.07 -1.16 -8.37
N ASP B 26 7.39 -2.30 -8.96
CA ASP B 26 8.79 -2.52 -9.33
C ASP B 26 9.22 -1.64 -10.52
N ASP B 27 8.28 -1.29 -11.38
CA ASP B 27 8.60 -0.40 -12.51
C ASP B 27 9.15 0.92 -11.94
N PHE B 28 8.52 1.42 -10.87
CA PHE B 28 8.95 2.65 -10.26
C PHE B 28 10.24 2.53 -9.48
N VAL B 29 10.53 1.35 -8.94
CA VAL B 29 11.79 1.13 -8.23
C VAL B 29 12.85 1.14 -9.32
N ALA B 30 12.53 0.53 -10.47
CA ALA B 30 13.45 0.49 -11.58
C ALA B 30 13.72 1.92 -12.05
N MET B 31 12.68 2.74 -12.12
CA MET B 31 12.87 4.10 -12.57
C MET B 31 13.85 4.85 -11.66
N VAL B 32 13.72 4.65 -10.35
CA VAL B 32 14.59 5.31 -9.40
C VAL B 32 16.02 4.83 -9.56
N LEU B 33 16.19 3.52 -9.75
CA LEU B 33 17.52 2.96 -9.93
C LEU B 33 18.22 3.59 -11.12
N LEU B 34 17.50 3.68 -12.23
CA LEU B 34 18.05 4.25 -13.45
C LEU B 34 18.41 5.72 -13.24
N ALA B 35 17.42 6.52 -12.86
CA ALA B 35 17.63 7.95 -12.66
C ALA B 35 18.66 8.33 -11.58
N SER B 36 18.71 7.58 -10.48
CA SER B 36 19.64 7.92 -9.41
C SER B 36 21.11 7.66 -9.73
N ASN B 37 21.40 6.78 -10.67
CA ASN B 37 22.78 6.48 -11.04
C ASN B 37 23.20 7.29 -12.26
N THR B 38 23.25 8.62 -12.09
CA THR B 38 23.61 9.55 -13.16
C THR B 38 25.00 9.35 -13.75
N GLU B 39 25.90 8.68 -13.02
CA GLU B 39 27.23 8.43 -13.53
C GLU B 39 27.19 7.40 -14.66
N LYS B 40 26.44 6.33 -14.45
CA LYS B 40 26.35 5.27 -15.45
C LYS B 40 25.19 5.50 -16.40
N VAL B 41 24.18 6.26 -15.97
CA VAL B 41 23.00 6.45 -16.79
C VAL B 41 22.46 7.87 -16.94
N ARG B 42 22.11 8.21 -18.17
CA ARG B 42 21.52 9.49 -18.50
C ARG B 42 20.15 9.12 -19.05
N LEU B 43 19.13 9.25 -18.19
CA LEU B 43 17.76 8.93 -18.56
C LEU B 43 17.22 10.05 -19.44
N ILE B 44 17.01 9.76 -20.72
CA ILE B 44 16.56 10.78 -21.66
C ILE B 44 15.07 10.72 -22.03
N GLY B 45 14.34 9.84 -21.37
CA GLY B 45 12.93 9.70 -21.64
C GLY B 45 12.30 8.49 -20.98
N ALA B 46 10.98 8.52 -20.88
CA ALA B 46 10.25 7.39 -20.32
C ALA B 46 8.86 7.37 -20.93
N LEU B 47 8.26 6.20 -20.98
CA LEU B 47 6.89 6.10 -21.48
C LEU B 47 6.17 5.11 -20.59
N CYS B 48 4.87 5.35 -20.38
CA CYS B 48 4.07 4.46 -19.55
C CYS B 48 3.03 3.83 -20.44
N THR B 49 2.75 2.56 -20.18
CA THR B 49 1.76 1.82 -20.95
C THR B 49 0.66 1.41 -20.00
N ASP B 50 -0.57 1.46 -20.51
CA ASP B 50 -1.77 1.12 -19.75
C ASP B 50 -1.86 -0.39 -19.51
N ALA B 51 -0.79 -0.98 -18.98
CA ALA B 51 -0.77 -2.42 -18.73
C ALA B 51 -1.11 -2.75 -17.27
N ASP B 52 -0.10 -3.08 -16.48
CA ASP B 52 -0.29 -3.43 -15.08
C ASP B 52 -0.48 -2.17 -14.25
N CYS B 53 -1.19 -1.21 -14.85
CA CYS B 53 -1.48 0.06 -14.20
C CYS B 53 -2.46 0.80 -15.10
N PHE B 54 -2.96 1.93 -14.63
CA PHE B 54 -3.86 2.75 -15.43
C PHE B 54 -3.01 3.93 -15.88
N VAL B 55 -2.60 3.86 -17.15
CA VAL B 55 -1.74 4.85 -17.77
C VAL B 55 -1.70 6.26 -17.17
N GLU B 56 -2.86 6.90 -17.02
CA GLU B 56 -2.89 8.27 -16.47
C GLU B 56 -2.20 8.34 -15.12
N ASN B 57 -2.40 7.32 -14.28
CA ASN B 57 -1.77 7.29 -12.97
C ASN B 57 -0.28 7.01 -13.09
N GLY B 58 0.06 6.06 -13.94
CA GLY B 58 1.47 5.72 -14.15
C GLY B 58 2.21 6.93 -14.65
N PHE B 59 1.53 7.68 -15.52
CA PHE B 59 2.06 8.90 -16.12
C PHE B 59 2.41 9.94 -15.04
N ASN B 60 1.43 10.29 -14.21
CA ASN B 60 1.64 11.28 -13.15
C ASN B 60 2.65 10.88 -12.09
N VAL B 61 2.66 9.60 -11.71
CA VAL B 61 3.62 9.13 -10.73
C VAL B 61 5.00 9.24 -11.37
N THR B 62 5.08 8.93 -12.66
CA THR B 62 6.35 9.04 -13.38
C THR B 62 6.83 10.50 -13.33
N GLY B 63 5.92 11.42 -13.63
CA GLY B 63 6.25 12.82 -13.59
C GLY B 63 6.60 13.33 -12.19
N LYS B 64 5.86 12.90 -11.16
CA LYS B 64 6.16 13.37 -9.81
C LYS B 64 7.49 12.88 -9.31
N ILE B 65 7.87 11.66 -9.68
CA ILE B 65 9.14 11.13 -9.26
C ILE B 65 10.28 11.89 -9.98
N MET B 66 10.07 12.19 -11.26
CA MET B 66 11.09 12.90 -12.03
C MET B 66 11.35 14.28 -11.42
N CYS B 67 10.27 15.05 -11.24
CA CYS B 67 10.36 16.37 -10.66
C CYS B 67 11.01 16.40 -9.28
N LEU B 68 10.63 15.44 -8.43
CA LEU B 68 11.20 15.35 -7.09
C LEU B 68 12.71 15.16 -7.16
N MET B 69 13.17 14.35 -8.10
CA MET B 69 14.59 14.10 -8.23
C MET B 69 15.31 15.32 -8.84
N HIS B 70 14.60 16.00 -9.74
CA HIS B 70 15.13 17.19 -10.37
C HIS B 70 15.46 18.25 -9.32
N ASN B 71 14.49 18.54 -8.46
CA ASN B 71 14.69 19.55 -7.41
C ASN B 71 15.53 19.12 -6.23
N ASN B 72 16.04 17.88 -6.24
CA ASN B 72 16.81 17.43 -5.10
C ASN B 72 18.16 16.79 -5.39
N MET B 73 18.48 16.58 -6.65
CA MET B 73 19.77 16.00 -7.01
C MET B 73 20.13 16.38 -8.45
N ASN B 74 19.39 17.32 -9.01
CA ASN B 74 19.64 17.77 -10.37
C ASN B 74 19.64 16.65 -11.39
N LEU B 75 18.47 16.08 -11.63
CA LEU B 75 18.32 15.04 -12.63
C LEU B 75 17.71 15.85 -13.78
N PRO B 76 18.38 15.90 -14.94
CA PRO B 76 17.81 16.67 -16.05
C PRO B 76 16.39 16.18 -16.39
N LEU B 77 15.46 17.11 -16.59
CA LEU B 77 14.12 16.73 -16.95
C LEU B 77 14.17 15.96 -18.28
N PHE B 78 13.12 15.20 -18.57
CA PHE B 78 13.06 14.45 -19.81
C PHE B 78 11.61 14.26 -20.18
N PRO B 79 11.32 14.12 -21.47
CA PRO B 79 9.95 13.93 -21.93
C PRO B 79 9.42 12.58 -21.44
N ILE B 80 8.13 12.56 -21.13
CA ILE B 80 7.44 11.37 -20.66
C ILE B 80 6.18 11.20 -21.51
N GLY B 81 6.03 10.06 -22.17
CA GLY B 81 4.85 9.89 -22.99
C GLY B 81 4.00 8.68 -22.67
N LYS B 82 2.72 8.77 -22.98
CA LYS B 82 1.79 7.69 -22.76
C LYS B 82 1.68 6.85 -24.02
N SER B 83 1.82 5.55 -23.88
CA SER B 83 1.71 4.67 -25.02
C SER B 83 0.26 4.46 -25.41
N ALA B 84 0.02 4.42 -26.72
CA ALA B 84 -1.32 4.17 -27.23
C ALA B 84 -1.57 2.65 -27.25
N ALA B 85 -0.53 1.88 -26.97
CA ALA B 85 -0.66 0.43 -26.99
C ALA B 85 -1.83 -0.11 -26.17
N THR B 86 -2.50 -1.14 -26.70
CA THR B 86 -3.62 -1.75 -26.01
C THR B 86 -3.34 -3.25 -25.84
N ALA B 87 -3.92 -3.84 -24.82
CA ALA B 87 -3.71 -5.26 -24.50
C ALA B 87 -4.29 -6.29 -25.45
N VAL B 88 -3.72 -7.49 -25.40
CA VAL B 88 -4.22 -8.62 -26.14
C VAL B 88 -4.85 -9.45 -25.02
N ASN B 89 -4.16 -9.52 -23.89
CA ASN B 89 -4.62 -10.21 -22.70
C ASN B 89 -4.29 -9.33 -21.50
N PRO B 90 -5.30 -8.63 -20.96
CA PRO B 90 -5.24 -7.71 -19.82
C PRO B 90 -4.68 -8.24 -18.49
N PHE B 91 -3.91 -7.39 -17.81
CA PHE B 91 -3.33 -7.72 -16.50
C PHE B 91 -4.48 -7.76 -15.49
N PRO B 92 -4.34 -8.54 -14.40
CA PRO B 92 -5.42 -8.60 -13.41
C PRO B 92 -5.78 -7.21 -12.88
N LYS B 93 -7.07 -6.88 -12.91
CA LYS B 93 -7.57 -5.59 -12.44
C LYS B 93 -7.08 -5.18 -11.06
N GLU B 94 -6.66 -6.16 -10.27
CA GLU B 94 -6.18 -5.92 -8.91
C GLU B 94 -4.84 -5.18 -8.83
N TRP B 95 -3.85 -5.63 -9.58
CA TRP B 95 -2.51 -5.02 -9.56
C TRP B 95 -2.43 -3.63 -10.20
N ARG B 96 -3.11 -3.46 -11.31
CA ARG B 96 -3.09 -2.21 -12.04
C ARG B 96 -3.38 -0.97 -11.20
N CYS B 97 -4.17 -1.14 -10.15
CA CYS B 97 -4.56 -0.02 -9.29
C CYS B 97 -3.47 0.59 -8.41
N LEU B 98 -2.28 -0.01 -8.39
CA LEU B 98 -1.20 0.50 -7.55
C LEU B 98 -0.61 1.84 -7.98
N ALA B 99 -0.51 2.11 -9.29
CA ALA B 99 0.03 3.39 -9.73
C ALA B 99 -0.90 4.48 -9.20
N LYS B 100 -2.12 4.09 -8.84
CA LYS B 100 -3.11 5.01 -8.30
C LYS B 100 -2.80 5.37 -6.86
N ASN B 101 -2.50 4.39 -6.03
CA ASN B 101 -2.19 4.68 -4.65
C ASN B 101 -0.91 5.51 -4.53
N MET B 102 0.10 5.21 -5.35
CA MET B 102 1.36 5.95 -5.30
C MET B 102 1.17 7.41 -5.62
N ASP B 103 0.16 7.74 -6.42
CA ASP B 103 -0.12 9.11 -6.79
C ASP B 103 -0.54 10.01 -5.62
N ASP B 104 -0.92 9.39 -4.50
CA ASP B 104 -1.33 10.15 -3.33
C ASP B 104 -0.34 10.05 -2.19
N MET B 105 0.81 9.43 -2.43
CA MET B 105 1.82 9.30 -1.39
C MET B 105 2.37 10.69 -1.04
N PRO B 106 2.45 11.02 0.27
CA PRO B 106 2.95 12.33 0.71
C PRO B 106 4.27 12.73 0.06
N ILE B 107 5.20 11.77 -0.01
CA ILE B 107 6.52 12.05 -0.58
C ILE B 107 6.52 12.50 -2.04
N LEU B 108 5.48 12.14 -2.79
CA LEU B 108 5.41 12.52 -4.19
C LEU B 108 4.54 13.75 -4.38
N ASN B 109 4.07 14.33 -3.28
CA ASN B 109 3.19 15.47 -3.39
C ASN B 109 3.69 16.73 -2.70
N ILE B 110 5.01 16.90 -2.65
CA ILE B 110 5.57 18.11 -2.03
C ILE B 110 5.30 19.27 -3.01
N PRO B 111 4.66 20.35 -2.51
CA PRO B 111 4.33 21.53 -3.31
C PRO B 111 5.30 21.97 -4.41
N GLU B 112 6.57 22.17 -4.07
CA GLU B 112 7.55 22.59 -5.08
C GLU B 112 7.65 21.59 -6.24
N ASN B 113 7.61 20.30 -5.94
CA ASN B 113 7.70 19.29 -6.97
C ASN B 113 6.39 19.20 -7.75
N VAL B 114 5.27 19.32 -7.05
CA VAL B 114 3.99 19.25 -7.75
C VAL B 114 3.84 20.45 -8.69
N GLU B 115 4.33 21.61 -8.27
CA GLU B 115 4.27 22.82 -9.09
C GLU B 115 5.01 22.63 -10.40
N LEU B 116 6.28 22.24 -10.32
CA LEU B 116 7.07 22.00 -11.51
C LEU B 116 6.36 21.01 -12.43
N TRP B 117 5.92 19.88 -11.87
CA TRP B 117 5.22 18.89 -12.68
C TRP B 117 3.96 19.46 -13.32
N ASP B 118 3.18 20.24 -12.57
CA ASP B 118 1.97 20.82 -13.12
C ASP B 118 2.27 21.77 -14.26
N LYS B 119 3.44 22.39 -14.20
CA LYS B 119 3.85 23.31 -15.25
C LYS B 119 4.14 22.54 -16.54
N ILE B 120 5.09 21.60 -16.47
CA ILE B 120 5.48 20.82 -17.64
C ILE B 120 4.57 19.66 -18.03
N LYS B 121 3.51 19.42 -17.27
CA LYS B 121 2.62 18.31 -17.58
C LYS B 121 1.90 18.42 -18.91
N ALA B 122 1.52 19.62 -19.29
CA ALA B 122 0.81 19.84 -20.56
C ALA B 122 1.61 19.45 -21.81
N GLU B 123 2.90 19.79 -21.83
CA GLU B 123 3.72 19.46 -23.00
C GLU B 123 4.05 17.97 -23.08
N ASN B 124 4.26 17.33 -21.93
CA ASN B 124 4.56 15.90 -21.89
C ASN B 124 3.29 15.13 -22.21
N GLU B 125 2.15 15.71 -21.81
CA GLU B 125 0.85 15.10 -22.05
C GLU B 125 0.58 15.05 -23.56
N LYS B 126 1.29 15.89 -24.31
CA LYS B 126 1.14 15.96 -25.76
C LYS B 126 1.76 14.80 -26.53
N TYR B 127 2.86 14.24 -26.02
CA TYR B 127 3.54 13.14 -26.70
C TYR B 127 2.73 11.87 -26.88
N GLU B 128 3.07 11.10 -27.91
CA GLU B 128 2.46 9.81 -28.18
C GLU B 128 3.58 8.87 -27.76
N GLY B 129 3.30 8.00 -26.79
CA GLY B 129 4.31 7.09 -26.28
C GLY B 129 5.20 6.34 -27.25
N GLN B 130 4.59 5.68 -28.21
CA GLN B 130 5.35 4.92 -29.19
C GLN B 130 6.25 5.79 -30.07
N GLN B 131 5.70 6.88 -30.60
CA GLN B 131 6.45 7.81 -31.44
C GLN B 131 7.60 8.45 -30.65
N LEU B 132 7.32 8.78 -29.39
CA LEU B 132 8.31 9.38 -28.52
C LEU B 132 9.52 8.47 -28.41
N LEU B 133 9.26 7.17 -28.27
CA LEU B 133 10.34 6.19 -28.16
C LEU B 133 11.16 6.16 -29.46
N ALA B 134 10.45 6.18 -30.59
CA ALA B 134 11.10 6.17 -31.90
C ALA B 134 12.02 7.39 -32.05
N ASP B 135 11.47 8.58 -31.80
CA ASP B 135 12.24 9.82 -31.92
C ASP B 135 13.44 9.91 -30.98
N LEU B 136 13.26 9.52 -29.73
CA LEU B 136 14.36 9.61 -28.77
C LEU B 136 15.56 8.76 -29.19
N VAL B 137 15.28 7.62 -29.80
CA VAL B 137 16.33 6.71 -30.24
C VAL B 137 16.96 7.15 -31.56
N MET B 138 16.11 7.57 -32.50
CA MET B 138 16.60 8.01 -33.81
C MET B 138 17.24 9.38 -33.83
N ASN B 139 16.84 10.28 -32.94
CA ASN B 139 17.44 11.61 -32.94
C ASN B 139 18.63 11.76 -32.00
N SER B 140 19.06 10.67 -31.39
CA SER B 140 20.20 10.72 -30.47
C SER B 140 21.51 10.63 -31.22
N GLU B 141 22.45 11.51 -30.89
CA GLU B 141 23.74 11.49 -31.55
C GLU B 141 24.44 10.20 -31.17
N GLU B 142 24.16 9.72 -29.97
CA GLU B 142 24.74 8.47 -29.49
C GLU B 142 23.63 7.42 -29.41
N LYS B 143 24.01 6.15 -29.42
CA LYS B 143 23.03 5.06 -29.34
C LYS B 143 22.28 5.09 -28.00
N VAL B 144 21.11 4.49 -28.01
CA VAL B 144 20.27 4.45 -26.82
C VAL B 144 19.95 3.05 -26.35
N THR B 145 20.03 2.85 -25.04
CA THR B 145 19.70 1.57 -24.42
C THR B 145 18.25 1.68 -23.95
N ILE B 146 17.40 0.72 -24.31
CA ILE B 146 16.00 0.72 -23.88
C ILE B 146 15.74 -0.28 -22.75
N CYS B 147 15.23 0.20 -21.62
CA CYS B 147 14.90 -0.66 -20.48
C CYS B 147 13.38 -0.90 -20.54
N VAL B 148 12.99 -2.12 -20.87
CA VAL B 148 11.59 -2.47 -20.98
C VAL B 148 11.20 -3.27 -19.75
N THR B 149 10.30 -2.72 -18.95
CA THR B 149 9.82 -3.42 -17.75
C THR B 149 8.33 -3.68 -17.88
N GLY B 150 7.77 -3.28 -19.02
CA GLY B 150 6.36 -3.53 -19.25
C GLY B 150 6.31 -4.45 -20.46
N PRO B 151 5.16 -4.54 -21.15
CA PRO B 151 5.02 -5.39 -22.34
C PRO B 151 5.93 -4.85 -23.45
N LEU B 152 6.12 -5.66 -24.49
CA LEU B 152 7.00 -5.31 -25.60
C LEU B 152 6.35 -4.59 -26.81
N SER B 153 5.11 -4.17 -26.61
CA SER B 153 4.30 -3.49 -27.61
C SER B 153 4.91 -2.26 -28.26
N ASN B 154 5.61 -1.45 -27.47
CA ASN B 154 6.20 -0.20 -27.99
C ASN B 154 7.48 -0.37 -28.79
N VAL B 155 8.35 -1.30 -28.39
CA VAL B 155 9.57 -1.52 -29.13
C VAL B 155 9.16 -2.22 -30.45
N ALA B 156 8.11 -3.04 -30.40
CA ALA B 156 7.61 -3.76 -31.57
C ALA B 156 7.00 -2.78 -32.58
N TRP B 157 6.29 -1.79 -32.07
CA TRP B 157 5.69 -0.78 -32.95
C TRP B 157 6.82 -0.06 -33.68
N CYS B 158 7.84 0.37 -32.93
CA CYS B 158 8.97 1.07 -33.54
C CYS B 158 9.69 0.23 -34.59
N ILE B 159 9.88 -1.06 -34.32
CA ILE B 159 10.52 -1.94 -35.27
C ILE B 159 9.65 -1.97 -36.52
N ASP B 160 8.38 -2.29 -36.36
CA ASP B 160 7.45 -2.35 -37.48
C ASP B 160 7.37 -1.03 -38.28
N LYS B 161 7.27 0.08 -37.57
CA LYS B 161 7.16 1.37 -38.25
C LYS B 161 8.44 1.93 -38.87
N TYR B 162 9.58 1.73 -38.21
CA TYR B 162 10.84 2.27 -38.74
C TYR B 162 11.94 1.28 -39.11
N GLY B 163 11.81 0.03 -38.68
CA GLY B 163 12.82 -0.96 -39.00
C GLY B 163 14.25 -0.60 -38.61
N GLU B 164 15.17 -0.82 -39.54
CA GLU B 164 16.58 -0.56 -39.33
C GLU B 164 16.91 0.89 -38.95
N LYS B 165 16.08 1.84 -39.38
CA LYS B 165 16.33 3.23 -39.03
C LYS B 165 16.21 3.36 -37.51
N PHE B 166 15.44 2.45 -36.92
CA PHE B 166 15.26 2.44 -35.47
C PHE B 166 16.29 1.53 -34.78
N THR B 167 16.26 0.23 -35.10
CA THR B 167 17.16 -0.71 -34.45
C THR B 167 18.66 -0.37 -34.50
N SER B 168 19.13 0.18 -35.61
CA SER B 168 20.54 0.52 -35.74
C SER B 168 20.94 1.59 -34.71
N LYS B 169 19.95 2.27 -34.16
CA LYS B 169 20.20 3.31 -33.18
C LYS B 169 20.14 2.79 -31.74
N VAL B 170 19.70 1.54 -31.60
CA VAL B 170 19.57 0.89 -30.30
C VAL B 170 20.86 0.22 -29.86
N GLU B 171 21.38 0.63 -28.71
CA GLU B 171 22.59 0.03 -28.18
C GLU B 171 22.18 -1.40 -27.85
N GLU B 172 21.17 -1.54 -26.99
CA GLU B 172 20.67 -2.85 -26.61
C GLU B 172 19.33 -2.71 -25.93
N CYS B 173 18.53 -3.76 -26.00
CA CYS B 173 17.22 -3.77 -25.37
C CYS B 173 17.36 -4.64 -24.14
N VAL B 174 17.13 -4.08 -22.95
CA VAL B 174 17.19 -4.86 -21.71
C VAL B 174 15.73 -5.03 -21.27
N ILE B 175 15.26 -6.26 -21.38
CA ILE B 175 13.88 -6.59 -21.14
C ILE B 175 13.54 -7.44 -19.92
N MET B 176 12.49 -7.05 -19.20
CA MET B 176 12.02 -7.88 -18.08
C MET B 176 10.85 -8.62 -18.73
N GLY B 177 10.93 -9.95 -18.76
CA GLY B 177 9.86 -10.75 -19.34
C GLY B 177 10.24 -12.19 -19.68
N GLY B 178 9.22 -13.03 -19.79
CA GLY B 178 9.45 -14.43 -20.15
C GLY B 178 9.80 -15.40 -19.05
N ALA B 179 9.93 -16.66 -19.44
CA ALA B 179 10.27 -17.76 -18.56
C ALA B 179 10.81 -18.84 -19.52
N VAL B 180 12.11 -19.13 -19.42
CA VAL B 180 12.74 -20.08 -20.32
C VAL B 180 12.86 -21.51 -19.80
N ASP B 181 13.52 -21.69 -18.67
CA ASP B 181 13.67 -23.03 -18.13
C ASP B 181 12.89 -23.24 -16.85
N VAL B 182 11.98 -22.31 -16.57
CA VAL B 182 11.14 -22.44 -15.37
C VAL B 182 9.72 -22.10 -15.76
N ARG B 183 8.79 -22.37 -14.85
CA ARG B 183 7.37 -22.08 -15.06
C ARG B 183 7.16 -20.57 -15.18
N GLY B 184 5.98 -20.19 -15.67
CA GLY B 184 5.64 -18.79 -15.82
C GLY B 184 4.89 -18.33 -14.58
N ASN B 185 4.12 -17.25 -14.70
CA ASN B 185 3.37 -16.76 -13.56
C ASN B 185 1.96 -16.36 -14.00
N VAL B 186 1.60 -16.75 -15.22
CA VAL B 186 0.26 -16.47 -15.72
C VAL B 186 -0.56 -17.75 -15.49
N PHE B 187 -1.41 -17.70 -14.47
CA PHE B 187 -2.25 -18.83 -14.11
C PHE B 187 -3.74 -18.46 -14.21
N LEU B 188 -4.36 -18.86 -15.31
CA LEU B 188 -5.79 -18.60 -15.55
C LEU B 188 -6.41 -19.95 -15.88
N PRO B 189 -7.75 -20.06 -15.79
CA PRO B 189 -8.38 -21.35 -16.10
C PRO B 189 -7.99 -21.89 -17.48
N SER B 190 -7.75 -20.98 -18.43
CA SER B 190 -7.41 -21.37 -19.78
C SER B 190 -5.90 -21.48 -20.10
N THR B 191 -5.03 -21.25 -19.11
CA THR B 191 -3.60 -21.36 -19.41
C THR B 191 -2.97 -22.52 -18.67
N ASP B 192 -1.73 -22.87 -19.04
CA ASP B 192 -1.00 -23.97 -18.39
C ASP B 192 0.13 -23.49 -17.46
N GLY B 193 0.15 -22.20 -17.16
CA GLY B 193 1.17 -21.66 -16.29
C GLY B 193 2.60 -21.57 -16.80
N THR B 194 2.82 -21.66 -18.11
CA THR B 194 4.17 -21.59 -18.68
C THR B 194 4.59 -20.17 -19.16
N ALA B 195 3.61 -19.29 -19.36
CA ALA B 195 3.87 -17.94 -19.82
C ALA B 195 4.08 -16.93 -18.70
N GLU B 196 4.83 -15.88 -19.00
CA GLU B 196 5.07 -14.82 -18.04
C GLU B 196 4.19 -13.63 -18.45
N TRP B 197 3.69 -12.88 -17.47
CA TRP B 197 2.78 -11.75 -17.70
C TRP B 197 3.12 -10.65 -18.71
N ASN B 198 4.33 -10.10 -18.73
CA ASN B 198 4.61 -9.05 -19.72
C ASN B 198 4.52 -9.53 -21.17
N ILE B 199 4.87 -10.79 -21.43
CA ILE B 199 4.85 -11.32 -22.77
C ILE B 199 3.40 -11.66 -23.12
N TYR B 200 2.72 -12.29 -22.17
CA TYR B 200 1.33 -12.69 -22.29
C TYR B 200 0.41 -11.49 -22.57
N TRP B 201 0.77 -10.31 -22.08
CA TRP B 201 -0.06 -9.12 -22.33
C TRP B 201 -0.15 -8.82 -23.83
N ASP B 202 0.93 -9.06 -24.54
CA ASP B 202 0.95 -8.82 -25.98
C ASP B 202 1.97 -9.75 -26.64
N PRO B 203 1.59 -11.02 -26.86
CA PRO B 203 2.48 -12.01 -27.48
C PRO B 203 3.10 -11.65 -28.83
N ALA B 204 2.27 -11.16 -29.75
CA ALA B 204 2.72 -10.81 -31.10
C ALA B 204 3.80 -9.74 -31.09
N SER B 205 3.67 -8.75 -30.21
CA SER B 205 4.67 -7.69 -30.13
C SER B 205 5.97 -8.29 -29.61
N ALA B 206 5.83 -9.26 -28.70
CA ALA B 206 6.97 -9.94 -28.12
C ALA B 206 7.69 -10.78 -29.17
N LYS B 207 6.92 -11.45 -30.03
CA LYS B 207 7.51 -12.28 -31.09
C LYS B 207 8.33 -11.37 -32.00
N THR B 208 7.74 -10.26 -32.39
CA THR B 208 8.41 -9.29 -33.22
C THR B 208 9.75 -8.89 -32.62
N VAL B 209 9.76 -8.55 -31.33
CA VAL B 209 11.00 -8.15 -30.68
C VAL B 209 12.05 -9.26 -30.61
N PHE B 210 11.69 -10.44 -30.12
CA PHE B 210 12.66 -11.54 -29.99
C PHE B 210 13.16 -12.14 -31.31
N GLY B 211 12.45 -11.92 -32.40
CA GLY B 211 12.88 -12.45 -33.68
C GLY B 211 13.64 -11.42 -34.50
N CYS B 212 13.62 -10.16 -34.09
CA CYS B 212 14.30 -9.11 -34.83
C CYS B 212 15.85 -9.13 -34.83
N PRO B 213 16.47 -9.35 -36.00
CA PRO B 213 17.93 -9.39 -36.08
C PRO B 213 18.42 -7.93 -36.11
N GLY B 214 19.67 -7.69 -35.79
CA GLY B 214 20.13 -6.32 -35.81
C GLY B 214 19.77 -5.59 -34.52
N LEU B 215 19.03 -6.27 -33.64
CA LEU B 215 18.67 -5.72 -32.34
C LEU B 215 19.28 -6.61 -31.25
N ARG B 216 20.06 -6.02 -30.35
CA ARG B 216 20.66 -6.77 -29.25
C ARG B 216 19.69 -6.78 -28.05
N ARG B 217 19.39 -7.98 -27.52
CA ARG B 217 18.47 -8.16 -26.39
C ARG B 217 19.09 -8.85 -25.16
N ILE B 218 18.85 -8.27 -23.99
CA ILE B 218 19.31 -8.87 -22.73
C ILE B 218 17.96 -9.23 -22.10
N MET B 219 17.80 -10.49 -21.68
CA MET B 219 16.52 -10.95 -21.15
C MET B 219 16.51 -11.45 -19.72
N PHE B 220 15.77 -10.74 -18.87
CA PHE B 220 15.60 -11.12 -17.49
C PHE B 220 14.26 -11.85 -17.36
N SER B 221 14.28 -13.14 -17.62
CA SER B 221 13.08 -13.96 -17.51
C SER B 221 12.96 -14.33 -16.05
N LEU B 222 11.90 -15.06 -15.69
CA LEU B 222 11.72 -15.45 -14.28
C LEU B 222 12.87 -16.31 -13.79
N ASP B 223 13.59 -16.93 -14.73
CA ASP B 223 14.73 -17.77 -14.37
C ASP B 223 15.67 -17.02 -13.43
N SER B 224 15.91 -15.76 -13.72
CA SER B 224 16.79 -14.95 -12.89
C SER B 224 16.05 -14.14 -11.82
N THR B 225 14.88 -13.59 -12.15
CA THR B 225 14.13 -12.80 -11.20
C THR B 225 13.65 -13.66 -10.03
N ASN B 226 13.45 -14.97 -10.27
CA ASN B 226 13.00 -15.87 -9.22
C ASN B 226 13.99 -15.95 -8.06
N THR B 227 15.26 -15.66 -8.35
CA THR B 227 16.33 -15.77 -7.36
C THR B 227 16.63 -14.56 -6.48
N VAL B 228 15.76 -13.56 -6.51
CA VAL B 228 15.97 -12.36 -5.70
C VAL B 228 14.59 -11.82 -5.23
N PRO B 229 13.97 -12.50 -4.25
CA PRO B 229 12.65 -12.14 -3.69
C PRO B 229 12.59 -10.92 -2.74
N VAL B 230 11.39 -10.35 -2.59
CA VAL B 230 11.17 -9.19 -1.70
C VAL B 230 10.95 -9.64 -0.25
N ARG B 231 11.93 -9.40 0.63
CA ARG B 231 11.86 -9.79 2.06
C ARG B 231 11.91 -8.65 3.10
N SER B 232 11.03 -8.75 4.09
CA SER B 232 10.90 -7.75 5.15
C SER B 232 12.16 -7.19 5.81
N PRO B 233 13.05 -8.05 6.32
CA PRO B 233 14.27 -7.53 6.96
C PRO B 233 14.96 -6.51 6.05
N TYR B 234 15.08 -6.84 4.77
CA TYR B 234 15.74 -5.94 3.82
C TYR B 234 14.97 -4.67 3.57
N VAL B 235 13.66 -4.78 3.35
CA VAL B 235 12.83 -3.61 3.12
C VAL B 235 12.89 -2.63 4.31
N GLN B 236 12.91 -3.17 5.52
CA GLN B 236 12.96 -2.32 6.71
C GLN B 236 14.24 -1.49 6.80
N ARG B 237 15.30 -1.95 6.13
CA ARG B 237 16.55 -1.24 6.17
C ARG B 237 16.42 0.14 5.52
N PHE B 238 15.35 0.37 4.77
CA PHE B 238 15.18 1.69 4.18
C PHE B 238 14.81 2.67 5.27
N GLY B 239 14.40 2.10 6.41
CA GLY B 239 14.06 2.94 7.54
C GLY B 239 15.33 3.54 8.15
N GLU B 240 16.48 2.97 7.79
CA GLU B 240 17.75 3.50 8.29
C GLU B 240 18.05 4.78 7.52
N GLN B 241 17.36 5.03 6.40
CA GLN B 241 17.65 6.20 5.57
C GLN B 241 16.46 7.13 5.31
N THR B 242 15.65 7.39 6.34
CA THR B 242 14.48 8.24 6.16
C THR B 242 14.83 9.71 5.87
N ASN B 243 16.10 10.07 5.95
CA ASN B 243 16.47 11.45 5.66
C ASN B 243 16.63 11.62 4.15
N PHE B 244 16.57 10.50 3.43
CA PHE B 244 16.64 10.52 1.98
C PHE B 244 15.25 10.25 1.41
N LEU B 245 14.76 11.20 0.63
CA LEU B 245 13.45 11.08 0.03
C LEU B 245 13.28 9.78 -0.77
N LEU B 246 14.34 9.36 -1.45
CA LEU B 246 14.28 8.16 -2.26
C LEU B 246 14.17 6.88 -1.43
N SER B 247 14.62 6.93 -0.18
CA SER B 247 14.54 5.75 0.66
C SER B 247 13.11 5.67 1.21
N ILE B 248 12.50 6.82 1.46
CA ILE B 248 11.12 6.86 1.91
C ILE B 248 10.29 6.31 0.74
N LEU B 249 10.62 6.77 -0.46
CA LEU B 249 9.91 6.35 -1.66
C LEU B 249 10.00 4.84 -1.94
N VAL B 250 11.21 4.37 -2.17
CA VAL B 250 11.45 2.96 -2.47
C VAL B 250 11.02 2.02 -1.34
N GLY B 251 11.27 2.43 -0.10
CA GLY B 251 10.92 1.63 1.04
C GLY B 251 9.42 1.47 1.20
N THR B 252 8.68 2.51 0.85
CA THR B 252 7.23 2.51 0.93
C THR B 252 6.64 1.63 -0.19
N MET B 253 7.20 1.74 -1.40
CA MET B 253 6.66 0.94 -2.50
C MET B 253 6.83 -0.54 -2.27
N TRP B 254 7.97 -0.93 -1.70
CA TRP B 254 8.18 -2.34 -1.44
C TRP B 254 7.51 -2.82 -0.18
N ALA B 255 7.17 -1.89 0.71
CA ALA B 255 6.47 -2.25 1.95
C ALA B 255 5.11 -2.78 1.51
N MET B 256 4.62 -2.22 0.41
CA MET B 256 3.33 -2.64 -0.14
C MET B 256 3.40 -4.02 -0.84
N CYS B 257 4.61 -4.55 -1.02
CA CYS B 257 4.82 -5.86 -1.68
C CYS B 257 5.15 -7.04 -0.78
N THR B 258 5.23 -6.82 0.54
CA THR B 258 5.55 -7.90 1.47
C THR B 258 4.27 -8.59 1.97
N HIS B 259 3.68 -9.46 1.16
CA HIS B 259 2.46 -10.16 1.57
C HIS B 259 2.77 -11.40 2.41
N ASP B 265 2.85 -18.02 3.15
CA ASP B 265 1.98 -18.86 2.33
C ASP B 265 2.55 -18.99 0.92
N GLY B 266 2.74 -17.87 0.24
CA GLY B 266 3.28 -17.89 -1.11
C GLY B 266 4.54 -17.08 -1.33
N ASP B 267 5.03 -17.09 -2.57
CA ASP B 267 6.22 -16.35 -2.96
C ASP B 267 5.86 -14.90 -3.26
N GLY B 268 4.66 -14.72 -3.81
CA GLY B 268 4.15 -13.40 -4.12
C GLY B 268 4.91 -12.44 -5.01
N TYR B 269 5.59 -11.47 -4.37
CA TYR B 269 6.33 -10.45 -5.09
C TYR B 269 7.84 -10.60 -5.11
N TYR B 270 8.43 -10.15 -6.22
CA TYR B 270 9.86 -10.18 -6.42
C TYR B 270 10.25 -8.78 -6.85
N ALA B 271 11.50 -8.62 -7.26
CA ALA B 271 12.00 -7.33 -7.70
C ALA B 271 12.25 -7.41 -9.20
N TRP B 272 11.32 -8.07 -9.91
CA TRP B 272 11.43 -8.26 -11.37
C TRP B 272 12.01 -7.07 -12.14
N ASP B 273 11.31 -5.95 -12.14
CA ASP B 273 11.75 -4.77 -12.89
C ASP B 273 12.97 -4.08 -12.31
N ALA B 274 13.19 -4.26 -11.01
CA ALA B 274 14.32 -3.62 -10.35
C ALA B 274 15.65 -4.31 -10.75
N LEU B 275 15.65 -5.64 -10.75
CA LEU B 275 16.83 -6.41 -11.13
C LEU B 275 17.19 -6.06 -12.58
N THR B 276 16.16 -5.95 -13.41
CA THR B 276 16.34 -5.63 -14.81
C THR B 276 17.06 -4.27 -15.02
N ALA B 277 16.61 -3.23 -14.31
CA ALA B 277 17.23 -1.93 -14.46
C ALA B 277 18.63 -1.90 -13.84
N ALA B 278 18.83 -2.74 -12.82
CA ALA B 278 20.12 -2.83 -12.14
C ALA B 278 21.18 -3.26 -13.14
N TYR B 279 20.81 -4.13 -14.07
CA TYR B 279 21.73 -4.59 -15.08
C TYR B 279 22.15 -3.43 -16.00
N VAL B 280 21.20 -2.56 -16.33
CA VAL B 280 21.49 -1.41 -17.18
C VAL B 280 22.52 -0.53 -16.49
N VAL B 281 22.40 -0.40 -15.16
CA VAL B 281 23.36 0.37 -14.38
C VAL B 281 24.72 -0.32 -14.37
N ASP B 282 24.74 -1.63 -14.12
CA ASP B 282 25.99 -2.38 -14.05
C ASP B 282 25.80 -3.84 -14.49
N GLN B 283 26.35 -4.20 -15.64
CA GLN B 283 26.23 -5.56 -16.16
C GLN B 283 26.80 -6.61 -15.21
N LYS B 284 27.43 -6.17 -14.14
CA LYS B 284 27.98 -7.08 -13.14
C LYS B 284 26.82 -7.81 -12.46
N VAL B 285 25.62 -7.27 -12.60
CA VAL B 285 24.43 -7.87 -12.02
C VAL B 285 24.25 -9.34 -12.44
N ALA B 286 24.55 -9.67 -13.69
CA ALA B 286 24.39 -11.06 -14.11
C ALA B 286 25.15 -11.49 -15.36
N ASN B 287 25.36 -12.78 -15.49
CA ASN B 287 26.02 -13.37 -16.66
C ASN B 287 24.85 -13.62 -17.62
N VAL B 288 25.12 -13.68 -18.92
CA VAL B 288 24.04 -13.93 -19.89
C VAL B 288 24.39 -15.09 -20.82
N ASP B 289 23.36 -15.81 -21.24
CA ASP B 289 23.48 -16.96 -22.12
C ASP B 289 22.68 -16.72 -23.37
N PRO B 290 23.31 -16.92 -24.55
CA PRO B 290 22.62 -16.73 -25.84
C PRO B 290 21.60 -17.84 -26.10
N VAL B 291 20.37 -17.45 -26.39
CA VAL B 291 19.30 -18.41 -26.65
C VAL B 291 18.36 -17.87 -27.73
N PRO B 292 18.01 -18.71 -28.70
CA PRO B 292 17.09 -18.26 -29.76
C PRO B 292 15.67 -18.31 -29.18
N ILE B 293 15.06 -17.14 -29.02
CA ILE B 293 13.71 -17.07 -28.43
C ILE B 293 12.57 -16.71 -29.38
N ASP B 294 11.54 -17.55 -29.35
CA ASP B 294 10.35 -17.33 -30.14
C ASP B 294 9.20 -17.27 -29.13
N VAL B 295 8.10 -16.64 -29.52
CA VAL B 295 6.94 -16.51 -28.65
C VAL B 295 5.68 -17.20 -29.18
N VAL B 296 4.97 -17.90 -28.31
CA VAL B 296 3.75 -18.58 -28.72
C VAL B 296 2.66 -17.53 -28.81
N VAL B 297 2.17 -17.28 -30.02
CA VAL B 297 1.11 -16.30 -30.22
C VAL B 297 -0.25 -16.95 -30.45
N ASP B 298 -0.25 -18.22 -30.84
CA ASP B 298 -1.53 -18.90 -31.04
C ASP B 298 -2.26 -18.97 -29.70
N LYS B 299 -3.60 -18.93 -29.76
CA LYS B 299 -4.43 -18.97 -28.57
C LYS B 299 -4.42 -20.38 -28.01
N GLN B 300 -3.27 -20.77 -27.47
CA GLN B 300 -3.11 -22.09 -26.90
C GLN B 300 -2.96 -21.85 -25.41
N PRO B 301 -2.98 -22.92 -24.61
CA PRO B 301 -2.82 -22.79 -23.15
C PRO B 301 -1.49 -22.10 -22.78
N ASN B 302 -0.46 -22.30 -23.60
CA ASN B 302 0.84 -21.72 -23.35
C ASN B 302 1.05 -20.44 -24.13
N GLU B 303 -0.05 -19.80 -24.52
CA GLU B 303 0.04 -18.53 -25.25
C GLU B 303 0.93 -17.56 -24.47
N GLY B 304 1.86 -16.91 -25.15
CA GLY B 304 2.72 -15.96 -24.47
C GLY B 304 4.01 -16.57 -23.93
N ALA B 305 4.15 -17.88 -24.08
CA ALA B 305 5.36 -18.54 -23.58
C ALA B 305 6.55 -18.22 -24.47
N THR B 306 7.71 -18.04 -23.84
CA THR B 306 8.94 -17.75 -24.56
C THR B 306 9.66 -19.09 -24.73
N VAL B 307 9.73 -19.60 -25.96
CA VAL B 307 10.35 -20.90 -26.16
C VAL B 307 11.59 -20.86 -27.04
N ARG B 308 12.43 -21.88 -26.83
CA ARG B 308 13.66 -22.07 -27.60
C ARG B 308 13.20 -22.52 -28.98
N THR B 309 13.67 -21.86 -30.03
CA THR B 309 13.26 -22.20 -31.39
C THR B 309 14.37 -22.94 -32.12
N ASP B 310 13.97 -23.77 -33.08
CA ASP B 310 14.90 -24.55 -33.89
C ASP B 310 15.28 -23.87 -35.20
N ALA B 311 14.59 -22.79 -35.54
CA ALA B 311 14.87 -22.10 -36.79
C ALA B 311 16.35 -21.78 -37.00
N GLU B 312 16.80 -21.91 -38.25
CA GLU B 312 18.18 -21.64 -38.63
C GLU B 312 18.37 -20.12 -38.76
N ASN B 313 19.58 -19.65 -38.47
CA ASN B 313 19.87 -18.22 -38.54
C ASN B 313 18.97 -17.41 -37.61
N TYR B 314 18.37 -18.07 -36.61
CA TYR B 314 17.49 -17.33 -35.69
C TYR B 314 18.27 -16.44 -34.73
N PRO B 315 17.96 -15.12 -34.70
CA PRO B 315 18.65 -14.17 -33.83
C PRO B 315 18.68 -14.62 -32.37
N LEU B 316 19.83 -14.46 -31.73
CA LEU B 316 20.01 -14.87 -30.34
C LEU B 316 19.63 -13.76 -29.35
N THR B 317 19.11 -14.17 -28.20
CA THR B 317 18.74 -13.24 -27.14
C THR B 317 19.58 -13.66 -25.94
N PHE B 318 20.16 -12.69 -25.22
CA PHE B 318 21.00 -13.03 -24.09
C PHE B 318 20.21 -13.06 -22.79
N VAL B 319 19.96 -14.27 -22.33
CA VAL B 319 19.18 -14.55 -21.13
C VAL B 319 20.02 -14.46 -19.85
N ALA B 320 19.54 -13.66 -18.90
CA ALA B 320 20.23 -13.50 -17.60
C ALA B 320 20.28 -14.80 -16.80
N ARG B 321 21.44 -15.08 -16.22
CA ARG B 321 21.63 -16.29 -15.41
C ARG B 321 22.37 -15.96 -14.11
N ASN B 322 22.01 -16.67 -13.05
CA ASN B 322 22.65 -16.52 -11.75
C ASN B 322 22.96 -15.08 -11.38
N PRO B 323 21.92 -14.25 -11.22
CA PRO B 323 22.19 -12.86 -10.85
C PRO B 323 22.89 -12.72 -9.51
N GLU B 324 23.64 -11.64 -9.35
CA GLU B 324 24.34 -11.37 -8.10
C GLU B 324 23.33 -10.70 -7.17
N ALA B 325 22.67 -11.48 -6.32
CA ALA B 325 21.64 -10.96 -5.44
C ALA B 325 22.12 -9.92 -4.41
N GLU B 326 23.20 -10.24 -3.70
CA GLU B 326 23.74 -9.31 -2.72
C GLU B 326 24.19 -8.02 -3.40
N PHE B 327 24.80 -8.15 -4.56
CA PHE B 327 25.28 -6.99 -5.31
C PHE B 327 24.12 -6.07 -5.61
N PHE B 328 23.01 -6.67 -6.07
CA PHE B 328 21.81 -5.91 -6.39
C PHE B 328 21.19 -5.22 -5.17
N LEU B 329 20.96 -5.98 -4.11
CA LEU B 329 20.35 -5.40 -2.91
C LEU B 329 21.18 -4.21 -2.42
N ASP B 330 22.50 -4.35 -2.42
CA ASP B 330 23.40 -3.27 -2.00
C ASP B 330 23.29 -2.07 -2.95
N MET B 331 23.18 -2.34 -4.24
CA MET B 331 23.07 -1.25 -5.22
C MET B 331 21.80 -0.43 -4.99
N LEU B 332 20.70 -1.10 -4.70
CA LEU B 332 19.43 -0.41 -4.49
C LEU B 332 19.45 0.45 -3.23
N LEU B 333 19.94 -0.10 -2.12
CA LEU B 333 20.03 0.66 -0.88
C LEU B 333 20.91 1.89 -1.07
N ARG B 334 22.03 1.74 -1.77
CA ARG B 334 22.92 2.88 -2.02
C ARG B 334 22.29 3.93 -2.94
N SER B 335 21.72 3.48 -4.05
CA SER B 335 21.09 4.38 -5.00
C SER B 335 19.97 5.21 -4.36
N ALA B 336 19.32 4.63 -3.36
CA ALA B 336 18.21 5.31 -2.68
C ALA B 336 18.69 6.42 -1.75
N ARG B 337 20.01 6.52 -1.57
CA ARG B 337 20.58 7.57 -0.74
C ARG B 337 21.10 8.72 -1.62
N ALA B 338 20.68 8.79 -2.87
CA ALA B 338 21.13 9.84 -3.78
C ALA B 338 20.38 11.15 -3.54
N CYS B 339 19.41 11.11 -2.63
CA CYS B 339 18.60 12.26 -2.23
C CYS B 339 17.33 11.72 -1.59
CA CA C . -10.90 -1.33 12.72
O5' AD3 D . -16.55 -1.58 8.90
C5' AD3 D . -15.49 -0.83 9.46
C4' AD3 D . -14.49 -1.67 10.31
O4' AD3 D . -13.98 -2.52 9.23
C3' AD3 D . -13.49 -0.53 10.55
O3' AD3 D . -13.23 -0.54 11.95
C2' AD3 D . -12.28 -0.83 9.62
O2' AD3 D . -10.98 -0.95 10.20
C1' AD3 D . -12.65 -2.13 8.89
N9 AD3 D . -12.27 -2.25 7.45
C8 AD3 D . -10.96 -2.19 6.91
N7 AD3 D . -10.88 -2.31 5.60
C5 AD3 D . -12.22 -2.46 5.22
C6 AD3 D . -12.86 -2.64 3.92
N6 AD3 D . -12.21 -2.68 2.77
N1 AD3 D . -14.24 -2.76 3.92
C2 AD3 D . -14.95 -2.71 5.07
C3 AD3 D . -14.49 -2.56 6.33
C4 AD3 D . -13.08 -2.43 6.34
CA CA E . 6.30 -3.91 -14.98
O5' AD3 F . 5.96 -10.78 -14.30
C5' AD3 F . 6.60 -9.52 -14.03
C4' AD3 F . 5.98 -8.28 -14.70
O4' AD3 F . 4.79 -8.37 -13.86
C3' AD3 F . 6.77 -7.13 -14.07
O3' AD3 F . 7.16 -6.18 -15.06
C2' AD3 F . 5.87 -6.50 -12.97
O2' AD3 F . 5.72 -5.09 -12.98
C1' AD3 F . 4.52 -7.25 -13.07
N9 AD3 F . 3.77 -7.68 -11.83
C8 AD3 F . 3.34 -6.84 -10.79
N7 AD3 F . 2.72 -7.45 -9.80
C5 AD3 F . 2.71 -8.81 -10.18
C6 AD3 F . 2.18 -10.05 -9.56
N6 AD3 F . 1.56 -10.06 -8.39
N1 AD3 F . 2.36 -11.25 -10.25
C2 AD3 F . 3.00 -11.27 -11.44
C3 AD3 F . 3.53 -10.21 -12.12
C4 AD3 F . 3.35 -8.98 -11.43
#